data_7O9S
#
_entry.id   7O9S
#
_cell.length_a   76.130
_cell.length_b   76.900
_cell.length_c   174.360
_cell.angle_alpha   90.000
_cell.angle_beta   90.000
_cell.angle_gamma   90.000
#
_symmetry.space_group_name_H-M   'P 21 21 21'
#
loop_
_entity.id
_entity.type
_entity.pdbx_description
1 polymer 'Fab nnHTN-Gn2 Heavy chain'
2 polymer 'Fab nnHTN-Gn2 Light chain'
3 polymer 'Envelope polyprotein'
4 non-polymer GLYCEROL
5 non-polymer 2-acetamido-2-deoxy-beta-D-glucopyranose
#
loop_
_entity_poly.entity_id
_entity_poly.type
_entity_poly.pdbx_seq_one_letter_code
_entity_poly.pdbx_strand_id
1 'polypeptide(L)'
;TGQSLEESGGRLVTPGTPLTLTCTVSGFSLSNYNMQWVRQAPGKGLEWIGIVYTGGVAWYARWAKGRFTISRTSTTVDLK
ITSPTTEDTATYFCARAYTSNSDIVFDPWGPGTLVTVSSGQPKAPSVFPLAPCCGDTPSSTVTLGCLVKGYLPEPVTVTW
NSGTLTNGVRTFPSVRQSSGLYSLSSVVSVTSSSQPVTCNVAHPATNTKVDKTVAPSTCSGTKHHHHHH
;
H
2 'polypeptide(L)'
;TGQVLTQTPASVSAAVGGTVTIKCQASQSVSTALAWYQQKPGQRPKLLIYLASTLTSGVPSRFKGSGSGTEFTLTISGVE
CDDAATYYCQQGYSYSNVDNSFGGGTEVVVKGDPVAPSVLIFPPAADQVATGTVTIVCVANKYFPDVTVTWEVDGTTQTT
GIENSKTPQNSADCTYNLSSTLTLTSTQYNSHKEYTCKVTQGTTSVVQSFNRGDC
;
L
3 'polypeptide(L)'
;TGSLRNVYDMKIECPHTVSFGENSVIGYVELPPMPLADTAQMVPESSCSMDNHQSINTITKYTQVIWRGKADPGQSSQNS
FETVSTEVDLKGTCVLKHKMVEESYRSRKSITCYDLSCNSTFCKPTLYMIVPIHACNMMKSCLIALGPYRVQVVYERTYC
MTGVLIEGKCFVPDQSVVSIIKHGIFDIASVHVVCFFVAVKGNTYKLFEQVKKSFESTCNDTENKVQGYYICIVGGNSAP
IYVPTLDDFRSMEAFTGIFKSPHGEDHDLAGEEIASYSIVGPANAKVPHSASSDTLSLIAYSGIPSYSSLSILTSSTDAK
HVFSPGLFPKLNHTNCDKSAIPLTWTGMIDLPGYYEGTKHHHHHH
;
A
#
# COMPACT_ATOMS: atom_id res chain seq x y z
N GLY A 2 11.46 6.30 21.17
CA GLY A 2 10.56 5.43 21.92
C GLY A 2 9.13 5.44 21.39
N GLN A 3 9.00 5.33 20.07
CA GLN A 3 7.68 5.34 19.44
C GLN A 3 7.08 3.94 19.45
N SER A 4 5.80 3.85 19.74
CA SER A 4 5.12 2.57 19.80
C SER A 4 3.64 2.75 19.52
N LEU A 5 2.98 1.63 19.24
CA LEU A 5 1.54 1.59 19.00
C LEU A 5 0.93 0.44 19.79
N GLU A 6 -0.36 0.57 20.09
CA GLU A 6 -1.06 -0.46 20.87
C GLU A 6 -2.53 -0.46 20.46
N GLU A 7 -2.94 -1.51 19.76
CA GLU A 7 -4.33 -1.63 19.35
C GLU A 7 -5.21 -2.02 20.54
N SER A 8 -6.50 -1.73 20.40
CA SER A 8 -7.50 -2.05 21.42
C SER A 8 -8.81 -2.43 20.75
N GLY A 9 -9.63 -3.17 21.49
CA GLY A 9 -10.98 -3.46 21.08
C GLY A 9 -11.22 -4.86 20.56
N GLY A 10 -10.17 -5.68 20.41
CA GLY A 10 -10.34 -7.05 19.98
C GLY A 10 -11.15 -7.86 20.97
N ARG A 11 -12.19 -8.54 20.49
CA ARG A 11 -13.10 -9.25 21.36
C ARG A 11 -13.90 -10.25 20.53
N LEU A 12 -14.70 -11.06 21.22
CA LEU A 12 -15.59 -12.02 20.57
C LEU A 12 -16.93 -11.37 20.28
N VAL A 13 -17.35 -11.44 19.02
CA VAL A 13 -18.63 -10.88 18.60
C VAL A 13 -19.37 -11.90 17.74
N THR A 14 -20.68 -11.83 17.78
CA THR A 14 -21.49 -12.61 16.85
C THR A 14 -21.39 -12.01 15.45
N PRO A 15 -21.60 -12.82 14.42
CA PRO A 15 -21.55 -12.29 13.05
C PRO A 15 -22.58 -11.18 12.85
N GLY A 16 -22.17 -10.16 12.08
CA GLY A 16 -23.04 -9.04 11.78
C GLY A 16 -23.05 -7.93 12.80
N THR A 17 -22.36 -8.10 13.93
CA THR A 17 -22.36 -7.10 14.99
C THR A 17 -21.24 -6.09 14.75
N PRO A 18 -21.55 -4.80 14.60
CA PRO A 18 -20.50 -3.81 14.33
C PRO A 18 -19.45 -3.79 15.43
N LEU A 19 -18.20 -3.68 15.01
CA LEU A 19 -17.05 -3.70 15.91
C LEU A 19 -16.09 -2.61 15.49
N THR A 20 -15.53 -1.90 16.47
CA THR A 20 -14.57 -0.83 16.21
C THR A 20 -13.27 -1.14 16.95
N LEU A 21 -12.15 -1.03 16.23
CA LEU A 21 -10.83 -1.23 16.79
C LEU A 21 -10.11 0.11 16.87
N THR A 22 -9.42 0.35 17.99
CA THR A 22 -8.76 1.62 18.24
C THR A 22 -7.25 1.39 18.36
N CYS A 23 -6.48 2.35 17.86
CA CYS A 23 -5.02 2.26 17.85
C CYS A 23 -4.45 3.50 18.52
N THR A 24 -4.10 3.38 19.80
CA THR A 24 -3.47 4.47 20.52
C THR A 24 -1.99 4.57 20.15
N VAL A 25 -1.47 5.79 20.22
CA VAL A 25 -0.13 6.11 19.71
C VAL A 25 0.68 6.74 20.83
N SER A 26 1.92 6.29 20.99
CA SER A 26 2.83 6.82 21.99
C SER A 26 4.18 7.13 21.35
N GLY A 27 4.81 8.22 21.82
CA GLY A 27 6.16 8.55 21.43
C GLY A 27 6.31 9.46 20.23
N PHE A 28 5.23 9.74 19.50
CA PHE A 28 5.30 10.59 18.33
C PHE A 28 3.95 11.25 18.11
N SER A 29 3.94 12.26 17.26
CA SER A 29 2.73 13.00 16.93
C SER A 29 1.99 12.28 15.81
N LEU A 30 0.74 11.88 16.09
CA LEU A 30 -0.07 11.20 15.09
C LEU A 30 -0.35 12.09 13.88
N SER A 31 -0.28 13.41 14.04
CA SER A 31 -0.63 14.33 12.97
C SER A 31 0.38 14.31 11.81
N ASN A 32 1.57 13.76 12.02
CA ASN A 32 2.64 13.85 11.04
C ASN A 32 2.82 12.58 10.20
N TYR A 33 2.03 11.54 10.43
CA TYR A 33 2.27 10.26 9.79
C TYR A 33 0.97 9.69 9.21
N ASN A 34 1.12 8.91 8.15
CA ASN A 34 0.01 8.12 7.60
C ASN A 34 -0.03 6.76 8.28
N MET A 35 -1.23 6.25 8.48
CA MET A 35 -1.44 5.01 9.20
C MET A 35 -2.14 3.98 8.32
N GLN A 36 -1.89 2.71 8.60
CA GLN A 36 -2.51 1.62 7.87
C GLN A 36 -2.94 0.51 8.81
N TRP A 37 -3.98 -0.21 8.42
CA TRP A 37 -4.45 -1.39 9.12
C TRP A 37 -4.13 -2.63 8.28
N VAL A 38 -3.58 -3.66 8.92
CA VAL A 38 -3.27 -4.92 8.26
C VAL A 38 -3.76 -6.04 9.17
N ARG A 39 -4.46 -7.02 8.59
CA ARG A 39 -4.97 -8.15 9.35
C ARG A 39 -4.27 -9.44 8.92
N GLN A 40 -4.32 -10.42 9.82
CA GLN A 40 -3.66 -11.71 9.58
C GLN A 40 -4.48 -12.81 10.25
N ALA A 41 -5.17 -13.61 9.43
CA ALA A 41 -5.85 -14.78 9.96
C ALA A 41 -4.81 -15.77 10.51
N PRO A 42 -5.18 -16.57 11.50
CA PRO A 42 -4.19 -17.48 12.11
C PRO A 42 -3.61 -18.44 11.09
N GLY A 43 -2.27 -18.45 11.02
CA GLY A 43 -1.55 -19.27 10.07
C GLY A 43 -1.49 -18.73 8.67
N LYS A 44 -2.17 -17.63 8.38
CA LYS A 44 -2.23 -17.06 7.04
C LYS A 44 -1.33 -15.84 6.95
N GLY A 45 -1.22 -15.31 5.72
CA GLY A 45 -0.32 -14.21 5.46
C GLY A 45 -0.90 -12.85 5.83
N LEU A 46 -0.06 -11.83 5.70
CA LEU A 46 -0.48 -10.46 5.98
C LEU A 46 -1.40 -9.96 4.87
N GLU A 47 -2.54 -9.38 5.26
CA GLU A 47 -3.51 -8.85 4.33
C GLU A 47 -3.67 -7.35 4.58
N TRP A 48 -3.27 -6.54 3.60
CA TRP A 48 -3.44 -5.10 3.70
C TRP A 48 -4.92 -4.74 3.62
N ILE A 49 -5.35 -3.81 4.48
CA ILE A 49 -6.74 -3.38 4.55
C ILE A 49 -6.92 -1.98 3.96
N GLY A 50 -6.19 -1.00 4.48
CA GLY A 50 -6.34 0.35 3.99
C GLY A 50 -5.35 1.28 4.68
N ILE A 51 -5.32 2.52 4.18
CA ILE A 51 -4.44 3.56 4.70
C ILE A 51 -5.28 4.79 4.97
N VAL A 52 -5.04 5.44 6.11
CA VAL A 52 -5.65 6.73 6.41
C VAL A 52 -4.55 7.79 6.37
N TYR A 53 -4.74 8.78 5.51
CA TYR A 53 -3.72 9.82 5.32
C TYR A 53 -3.97 11.00 6.26
N THR A 54 -2.93 11.81 6.43
CA THR A 54 -2.98 12.89 7.41
C THR A 54 -4.12 13.87 7.14
N GLY A 55 -4.60 13.94 5.89
CA GLY A 55 -5.73 14.78 5.57
C GLY A 55 -7.07 14.20 5.93
N GLY A 56 -7.10 12.98 6.46
CA GLY A 56 -8.31 12.37 6.95
C GLY A 56 -9.00 11.44 5.98
N VAL A 57 -8.57 11.41 4.72
CA VAL A 57 -9.19 10.55 3.72
C VAL A 57 -8.59 9.14 3.82
N ALA A 58 -9.45 8.13 3.70
CA ALA A 58 -9.04 6.74 3.79
C ALA A 58 -9.04 6.11 2.41
N TRP A 59 -8.05 5.26 2.15
CA TRP A 59 -7.89 4.56 0.88
C TRP A 59 -7.84 3.06 1.18
N TYR A 60 -8.83 2.31 0.71
CA TYR A 60 -8.99 0.91 1.07
C TYR A 60 -8.58 0.00 -0.06
N ALA A 61 -8.36 -1.27 0.28
CA ALA A 61 -8.14 -2.30 -0.72
C ALA A 61 -9.46 -2.63 -1.43
N ARG A 62 -9.35 -3.22 -2.62
CA ARG A 62 -10.52 -3.46 -3.44
C ARG A 62 -11.50 -4.39 -2.73
N TRP A 63 -11.00 -5.46 -2.11
CA TRP A 63 -11.88 -6.39 -1.40
C TRP A 63 -12.46 -5.77 -0.14
N ALA A 64 -11.73 -4.85 0.49
CA ALA A 64 -12.15 -4.24 1.75
C ALA A 64 -13.15 -3.11 1.58
N LYS A 65 -13.34 -2.62 0.35
CA LYS A 65 -14.25 -1.50 0.14
C LYS A 65 -15.68 -1.89 0.50
N GLY A 66 -16.28 -1.14 1.42
CA GLY A 66 -17.62 -1.40 1.89
C GLY A 66 -17.71 -2.28 3.11
N ARG A 67 -16.64 -3.01 3.44
CA ARG A 67 -16.63 -3.88 4.62
C ARG A 67 -15.90 -3.28 5.81
N PHE A 68 -15.08 -2.25 5.60
CA PHE A 68 -14.31 -1.64 6.67
C PHE A 68 -14.39 -0.12 6.55
N THR A 69 -14.17 0.54 7.67
CA THR A 69 -14.10 2.00 7.72
C THR A 69 -12.92 2.41 8.60
N ILE A 70 -12.04 3.24 8.06
CA ILE A 70 -10.89 3.76 8.79
C ILE A 70 -11.11 5.25 9.01
N SER A 71 -10.82 5.72 10.22
CA SER A 71 -11.02 7.11 10.59
C SER A 71 -9.87 7.56 11.48
N ARG A 72 -9.69 8.87 11.57
CA ARG A 72 -8.56 9.46 12.27
C ARG A 72 -9.04 10.54 13.23
N THR A 73 -8.42 10.58 14.41
CA THR A 73 -8.63 11.68 15.35
C THR A 73 -7.28 12.27 15.73
N SER A 74 -7.26 13.14 16.74
CA SER A 74 -6.01 13.76 17.14
C SER A 74 -5.01 12.73 17.66
N THR A 75 -5.49 11.76 18.45
CA THR A 75 -4.60 10.81 19.12
C THR A 75 -4.91 9.35 18.82
N THR A 76 -5.94 9.04 18.04
CA THR A 76 -6.34 7.67 17.80
C THR A 76 -6.58 7.43 16.31
N VAL A 77 -6.45 6.16 15.92
CA VAL A 77 -6.82 5.68 14.60
C VAL A 77 -7.80 4.53 14.78
N ASP A 78 -8.89 4.56 14.03
CA ASP A 78 -9.99 3.63 14.23
C ASP A 78 -10.14 2.69 13.04
N LEU A 79 -10.77 1.53 13.31
CA LEU A 79 -11.11 0.58 12.27
C LEU A 79 -12.42 -0.09 12.65
N LYS A 80 -13.46 0.12 11.85
CA LYS A 80 -14.79 -0.42 12.12
C LYS A 80 -15.14 -1.47 11.07
N ILE A 81 -15.49 -2.67 11.53
CA ILE A 81 -15.98 -3.72 10.65
C ILE A 81 -17.50 -3.63 10.63
N THR A 82 -18.06 -3.24 9.47
CA THR A 82 -19.47 -2.87 9.41
C THR A 82 -20.38 -4.04 9.74
N SER A 83 -20.10 -5.22 9.21
CA SER A 83 -20.89 -6.42 9.53
C SER A 83 -19.97 -7.63 9.42
N PRO A 84 -19.35 -8.02 10.52
CA PRO A 84 -18.36 -9.11 10.46
C PRO A 84 -18.99 -10.45 10.10
N THR A 85 -18.20 -11.27 9.42
CA THR A 85 -18.51 -12.66 9.15
C THR A 85 -17.44 -13.53 9.79
N THR A 86 -17.66 -14.85 9.77
CA THR A 86 -16.70 -15.77 10.36
C THR A 86 -15.35 -15.71 9.66
N GLU A 87 -15.31 -15.26 8.40
CA GLU A 87 -14.05 -15.09 7.68
C GLU A 87 -13.22 -13.92 8.20
N ASP A 88 -13.79 -13.07 9.04
CA ASP A 88 -13.10 -11.89 9.55
C ASP A 88 -12.27 -12.17 10.80
N THR A 89 -12.26 -13.40 11.29
CA THR A 89 -11.45 -13.73 12.46
C THR A 89 -9.97 -13.63 12.11
N ALA A 90 -9.27 -12.74 12.79
CA ALA A 90 -7.85 -12.50 12.52
C ALA A 90 -7.29 -11.61 13.62
N THR A 91 -5.97 -11.44 13.59
CA THR A 91 -5.28 -10.44 14.38
C THR A 91 -5.09 -9.18 13.54
N TYR A 92 -5.53 -8.04 14.05
CA TYR A 92 -5.53 -6.79 13.31
C TYR A 92 -4.41 -5.90 13.81
N PHE A 93 -3.55 -5.47 12.89
CA PHE A 93 -2.34 -4.71 13.20
C PHE A 93 -2.50 -3.24 12.82
N CYS A 94 -1.82 -2.41 13.59
CA CYS A 94 -1.73 -0.96 13.34
C CYS A 94 -0.28 -0.61 13.07
N ALA A 95 -0.05 0.18 12.02
CA ALA A 95 1.32 0.48 11.60
C ALA A 95 1.46 1.94 11.22
N ARG A 96 2.52 2.58 11.71
CA ARG A 96 2.86 3.94 11.33
C ARG A 96 3.75 3.93 10.10
N ALA A 97 3.53 4.89 9.21
CA ALA A 97 4.44 5.10 8.09
C ALA A 97 5.84 5.37 8.62
N TYR A 98 6.83 4.73 7.99
CA TYR A 98 8.19 4.81 8.50
C TYR A 98 8.72 6.25 8.52
N THR A 99 8.21 7.10 7.64
CA THR A 99 8.58 8.52 7.61
C THR A 99 7.34 9.36 7.38
N SER A 100 7.46 10.65 7.70
CA SER A 100 6.38 11.58 7.43
C SER A 100 6.25 11.84 5.93
N ASN A 101 5.06 12.31 5.53
CA ASN A 101 4.76 12.61 4.13
C ASN A 101 4.97 11.39 3.23
N SER A 102 4.75 10.19 3.78
CA SER A 102 5.04 8.97 3.04
C SER A 102 4.01 7.91 3.34
N ASP A 103 3.80 7.01 2.37
CA ASP A 103 3.02 5.80 2.60
C ASP A 103 3.68 4.59 1.96
N ILE A 104 4.97 4.68 1.62
CA ILE A 104 5.63 3.60 0.88
C ILE A 104 5.85 2.40 1.80
N VAL A 105 6.35 2.62 3.01
CA VAL A 105 6.69 1.54 3.93
C VAL A 105 6.25 1.95 5.34
N PHE A 106 5.99 0.95 6.18
CA PHE A 106 5.38 1.17 7.49
C PHE A 106 6.18 0.52 8.60
N ASP A 107 6.52 1.31 9.62
CA ASP A 107 7.21 0.91 10.84
C ASP A 107 7.16 2.07 11.82
N PRO A 108 6.96 1.83 13.12
CA PRO A 108 6.77 0.55 13.83
C PRO A 108 5.35 0.01 13.77
N TRP A 109 5.18 -1.19 14.31
CA TRP A 109 3.92 -1.89 14.32
C TRP A 109 3.46 -2.12 15.76
N GLY A 110 2.15 -2.24 15.92
CA GLY A 110 1.59 -2.62 17.20
C GLY A 110 1.61 -4.12 17.36
N PRO A 111 1.42 -4.56 18.60
CA PRO A 111 1.33 -6.01 18.86
C PRO A 111 0.14 -6.69 18.17
N GLY A 112 -0.86 -5.92 17.79
CA GLY A 112 -2.07 -6.47 17.19
C GLY A 112 -3.12 -6.80 18.22
N THR A 113 -4.37 -6.82 17.75
CA THR A 113 -5.51 -7.16 18.59
C THR A 113 -6.32 -8.25 17.89
N LEU A 114 -6.85 -9.18 18.68
CA LEU A 114 -7.45 -10.40 18.15
C LEU A 114 -8.96 -10.24 18.08
N VAL A 115 -9.53 -10.44 16.90
CA VAL A 115 -10.96 -10.37 16.67
C VAL A 115 -11.48 -11.77 16.39
N THR A 116 -12.52 -12.19 17.11
CA THR A 116 -13.11 -13.50 16.97
C THR A 116 -14.58 -13.35 16.63
N VAL A 117 -15.01 -13.95 15.51
CA VAL A 117 -16.38 -13.84 15.03
C VAL A 117 -16.95 -15.24 14.95
N SER A 118 -17.85 -15.57 15.87
CA SER A 118 -18.51 -16.88 15.87
C SER A 118 -19.80 -16.77 16.67
N SER A 119 -20.69 -17.73 16.43
CA SER A 119 -21.96 -17.79 17.14
C SER A 119 -21.84 -18.41 18.53
N GLY A 120 -20.74 -19.08 18.84
CA GLY A 120 -20.61 -19.74 20.12
C GLY A 120 -20.40 -18.76 21.25
N GLN A 121 -20.89 -19.15 22.43
CA GLN A 121 -20.72 -18.33 23.61
C GLN A 121 -19.25 -18.34 24.08
N PRO A 122 -18.80 -17.26 24.72
CA PRO A 122 -17.48 -17.32 25.38
C PRO A 122 -17.47 -18.40 26.46
N LYS A 123 -16.34 -19.08 26.59
CA LYS A 123 -16.24 -20.25 27.45
C LYS A 123 -14.91 -20.23 28.19
N ALA A 124 -14.97 -20.40 29.50
CA ALA A 124 -13.76 -20.45 30.30
C ALA A 124 -13.04 -21.78 30.08
N PRO A 125 -11.72 -21.81 30.27
CA PRO A 125 -10.98 -23.07 30.10
C PRO A 125 -11.00 -23.92 31.35
N SER A 126 -11.07 -25.24 31.14
CA SER A 126 -10.91 -26.21 32.21
C SER A 126 -9.47 -26.72 32.16
N VAL A 127 -8.81 -26.74 33.31
CA VAL A 127 -7.39 -27.05 33.41
C VAL A 127 -7.24 -28.40 34.10
N PHE A 128 -6.45 -29.28 33.49
CA PHE A 128 -6.20 -30.62 34.01
C PHE A 128 -4.71 -30.86 34.18
N PRO A 129 -4.30 -31.50 35.28
CA PRO A 129 -2.87 -31.78 35.47
C PRO A 129 -2.36 -32.79 34.46
N LEU A 130 -1.08 -32.64 34.11
CA LEU A 130 -0.37 -33.61 33.27
C LEU A 130 0.79 -34.15 34.08
N ALA A 131 0.72 -35.44 34.41
CA ALA A 131 1.75 -36.09 35.19
C ALA A 131 2.01 -37.48 34.64
N PRO A 132 3.23 -38.00 34.77
CA PRO A 132 3.51 -39.35 34.31
C PRO A 132 2.74 -40.38 35.12
N CYS A 133 2.44 -41.50 34.47
CA CYS A 133 1.82 -42.63 35.15
C CYS A 133 2.73 -43.11 36.27
N CYS A 134 2.16 -43.32 37.46
CA CYS A 134 2.96 -43.63 38.63
C CYS A 134 3.59 -45.02 38.57
N GLY A 135 3.11 -45.88 37.67
CA GLY A 135 3.63 -47.25 37.62
C GLY A 135 5.10 -47.32 37.27
N ASP A 136 5.54 -46.48 36.34
CA ASP A 136 6.93 -46.51 35.91
C ASP A 136 7.86 -45.96 36.99
N THR A 137 9.12 -46.35 36.91
CA THR A 137 10.09 -45.95 37.92
C THR A 137 10.35 -44.44 37.85
N PRO A 138 10.46 -43.78 39.00
CA PRO A 138 10.74 -42.33 38.99
C PRO A 138 12.18 -42.04 38.60
N SER A 139 12.38 -40.82 38.12
CA SER A 139 13.70 -40.31 37.77
C SER A 139 14.00 -39.07 38.59
N SER A 140 15.27 -38.65 38.58
CA SER A 140 15.66 -37.45 39.29
C SER A 140 15.08 -36.20 38.64
N THR A 141 14.85 -36.23 37.34
CA THR A 141 14.21 -35.14 36.62
C THR A 141 12.87 -35.61 36.09
N VAL A 142 11.82 -34.82 36.32
CA VAL A 142 10.47 -35.16 35.90
C VAL A 142 9.88 -33.99 35.13
N THR A 143 8.96 -34.30 34.23
CA THR A 143 8.25 -33.30 33.45
C THR A 143 6.77 -33.34 33.81
N LEU A 144 6.24 -32.17 34.18
CA LEU A 144 4.84 -32.02 34.53
C LEU A 144 4.22 -30.95 33.66
N GLY A 145 2.89 -30.97 33.56
CA GLY A 145 2.24 -30.02 32.67
C GLY A 145 0.80 -29.76 33.04
N CYS A 146 0.18 -28.87 32.25
CA CYS A 146 -1.22 -28.51 32.42
C CYS A 146 -1.89 -28.49 31.05
N LEU A 147 -3.08 -29.07 30.98
CA LEU A 147 -3.87 -29.07 29.76
C LEU A 147 -4.97 -28.03 29.88
N VAL A 148 -5.00 -27.09 28.93
CA VAL A 148 -5.99 -26.01 28.90
C VAL A 148 -6.93 -26.30 27.75
N LYS A 149 -8.13 -26.79 28.07
CA LYS A 149 -9.03 -27.37 27.08
C LYS A 149 -10.35 -26.62 27.04
N GLY A 150 -10.90 -26.47 25.84
CA GLY A 150 -12.25 -25.96 25.65
C GLY A 150 -12.49 -24.52 26.05
N TYR A 151 -11.66 -23.59 25.59
CA TYR A 151 -11.85 -22.18 25.85
C TYR A 151 -12.07 -21.41 24.56
N LEU A 152 -12.84 -20.33 24.66
CA LEU A 152 -13.18 -19.47 23.54
C LEU A 152 -13.55 -18.09 24.08
N PRO A 153 -12.99 -17.01 23.52
CA PRO A 153 -11.98 -17.03 22.45
C PRO A 153 -10.56 -16.95 22.98
N GLU A 154 -9.60 -16.86 22.06
CA GLU A 154 -8.22 -16.61 22.42
C GLU A 154 -8.07 -15.17 22.93
N PRO A 155 -7.02 -14.87 23.69
CA PRO A 155 -5.92 -15.76 24.11
C PRO A 155 -6.09 -16.33 25.51
N VAL A 156 -5.12 -17.15 25.91
CA VAL A 156 -5.00 -17.63 27.28
C VAL A 156 -3.53 -17.57 27.66
N THR A 157 -3.24 -17.16 28.88
CA THR A 157 -1.88 -16.98 29.36
C THR A 157 -1.58 -18.01 30.43
N VAL A 158 -0.50 -18.78 30.22
CA VAL A 158 -0.09 -19.83 31.14
C VAL A 158 1.31 -19.49 31.64
N THR A 159 1.46 -19.37 32.95
CA THR A 159 2.76 -19.19 33.61
C THR A 159 2.90 -20.22 34.71
N TRP A 160 4.12 -20.40 35.19
CA TRP A 160 4.42 -21.37 36.23
C TRP A 160 5.00 -20.65 37.45
N ASN A 161 4.44 -20.96 38.63
CA ASN A 161 4.85 -20.32 39.89
C ASN A 161 4.77 -18.81 39.81
N SER A 162 3.68 -18.30 39.24
CA SER A 162 3.45 -16.87 39.11
C SER A 162 4.54 -16.19 38.29
N GLY A 163 5.12 -16.92 37.33
CA GLY A 163 6.13 -16.39 36.46
C GLY A 163 7.55 -16.48 36.99
N THR A 164 7.74 -16.92 38.23
CA THR A 164 9.07 -17.01 38.80
C THR A 164 9.87 -18.20 38.29
N LEU A 165 9.22 -19.17 37.63
CA LEU A 165 9.89 -20.34 37.07
C LEU A 165 9.68 -20.32 35.57
N THR A 166 10.78 -20.27 34.80
CA THR A 166 10.73 -20.18 33.35
C THR A 166 11.57 -21.22 32.62
N ASN A 167 12.59 -21.79 33.26
CA ASN A 167 13.43 -22.77 32.59
C ASN A 167 12.66 -24.03 32.26
N GLY A 168 12.90 -24.58 31.08
CA GLY A 168 12.24 -25.81 30.67
C GLY A 168 10.77 -25.70 30.40
N VAL A 169 10.21 -24.49 30.40
CA VAL A 169 8.79 -24.31 30.13
C VAL A 169 8.57 -24.31 28.63
N ARG A 170 7.68 -25.19 28.17
CA ARG A 170 7.29 -25.28 26.77
C ARG A 170 5.77 -25.11 26.70
N THR A 171 5.32 -23.93 26.31
CA THR A 171 3.90 -23.66 26.11
C THR A 171 3.63 -23.77 24.62
N PHE A 172 2.99 -24.87 24.22
CA PHE A 172 2.71 -25.10 22.81
C PHE A 172 1.63 -24.13 22.32
N PRO A 173 1.68 -23.74 21.05
CA PRO A 173 0.62 -22.89 20.51
C PRO A 173 -0.73 -23.59 20.52
N SER A 174 -1.79 -22.79 20.56
CA SER A 174 -3.13 -23.31 20.65
C SER A 174 -3.54 -24.00 19.35
N VAL A 175 -4.54 -24.88 19.47
CA VAL A 175 -5.15 -25.57 18.35
C VAL A 175 -6.66 -25.39 18.45
N ARG A 176 -7.30 -25.05 17.33
CA ARG A 176 -8.75 -24.99 17.29
C ARG A 176 -9.31 -26.40 17.12
N GLN A 177 -10.20 -26.79 18.02
CA GLN A 177 -10.70 -28.17 18.07
C GLN A 177 -11.67 -28.40 16.91
N SER A 178 -12.30 -29.59 16.90
CA SER A 178 -13.33 -29.86 15.90
C SER A 178 -14.48 -28.88 16.06
N SER A 179 -14.83 -28.54 17.31
CA SER A 179 -15.76 -27.46 17.59
C SER A 179 -15.03 -26.12 17.44
N GLY A 180 -15.68 -25.02 17.83
CA GLY A 180 -15.02 -23.75 17.79
C GLY A 180 -14.05 -23.50 18.92
N LEU A 181 -14.01 -24.39 19.90
CA LEU A 181 -13.19 -24.20 21.08
C LEU A 181 -11.72 -24.40 20.77
N TYR A 182 -10.88 -23.68 21.51
CA TYR A 182 -9.43 -23.80 21.41
C TYR A 182 -8.89 -24.65 22.56
N SER A 183 -7.63 -25.05 22.42
CA SER A 183 -6.98 -25.86 23.44
C SER A 183 -5.48 -25.78 23.26
N LEU A 184 -4.76 -25.85 24.38
CA LEU A 184 -3.30 -25.91 24.35
C LEU A 184 -2.82 -26.54 25.64
N SER A 185 -1.51 -26.80 25.70
CA SER A 185 -0.87 -27.43 26.84
C SER A 185 0.47 -26.76 27.10
N SER A 186 0.89 -26.79 28.36
CA SER A 186 2.18 -26.24 28.77
C SER A 186 2.84 -27.24 29.70
N VAL A 187 4.14 -27.46 29.50
CA VAL A 187 4.89 -28.44 30.28
C VAL A 187 6.16 -27.78 30.82
N VAL A 188 6.72 -28.39 31.85
CA VAL A 188 7.98 -27.93 32.44
C VAL A 188 8.67 -29.12 33.08
N SER A 189 10.00 -29.15 32.98
CA SER A 189 10.82 -30.20 33.57
C SER A 189 11.55 -29.64 34.77
N VAL A 190 11.45 -30.34 35.90
CA VAL A 190 12.08 -29.92 37.15
C VAL A 190 12.64 -31.14 37.85
N THR A 191 13.59 -30.91 38.74
CA THR A 191 14.13 -31.98 39.56
C THR A 191 13.11 -32.42 40.59
N SER A 192 13.22 -33.68 41.02
CA SER A 192 12.28 -34.23 42.00
C SER A 192 12.39 -33.55 43.35
N SER A 193 13.52 -32.90 43.64
CA SER A 193 13.65 -32.17 44.90
C SER A 193 12.85 -30.87 44.88
N SER A 194 12.87 -30.16 43.76
CA SER A 194 12.21 -28.85 43.65
C SER A 194 10.73 -29.09 43.38
N GLN A 195 9.97 -29.28 44.46
CA GLN A 195 8.53 -29.48 44.42
C GLN A 195 7.85 -28.53 45.39
N PRO A 196 6.60 -28.13 45.11
CA PRO A 196 5.83 -28.45 43.91
C PRO A 196 5.81 -27.31 42.91
N VAL A 197 5.13 -27.51 41.78
CA VAL A 197 5.01 -26.50 40.74
C VAL A 197 3.53 -26.26 40.48
N THR A 198 3.20 -24.99 40.22
CA THR A 198 1.82 -24.56 39.99
C THR A 198 1.74 -23.80 38.68
N CYS A 199 0.79 -24.16 37.84
CA CYS A 199 0.54 -23.45 36.59
C CYS A 199 -0.63 -22.49 36.78
N ASN A 200 -0.46 -21.27 36.28
CA ASN A 200 -1.48 -20.23 36.39
C ASN A 200 -2.08 -20.00 35.00
N VAL A 201 -3.38 -20.19 34.89
CA VAL A 201 -4.09 -20.07 33.62
C VAL A 201 -5.05 -18.89 33.74
N ALA A 202 -4.86 -17.88 32.89
CA ALA A 202 -5.71 -16.71 32.87
C ALA A 202 -6.39 -16.61 31.52
N HIS A 203 -7.72 -16.45 31.53
CA HIS A 203 -8.52 -16.25 30.33
C HIS A 203 -9.21 -14.90 30.47
N PRO A 204 -8.62 -13.83 29.95
CA PRO A 204 -9.20 -12.49 30.16
C PRO A 204 -10.61 -12.34 29.62
N ALA A 205 -10.97 -13.08 28.57
CA ALA A 205 -12.29 -12.93 27.96
C ALA A 205 -13.41 -13.25 28.94
N THR A 206 -13.16 -14.14 29.90
CA THR A 206 -14.14 -14.51 30.89
C THR A 206 -13.73 -14.10 32.30
N ASN A 207 -12.69 -13.26 32.44
CA ASN A 207 -12.19 -12.81 33.74
C ASN A 207 -11.85 -14.01 34.63
N THR A 208 -11.27 -15.04 34.02
CA THR A 208 -11.03 -16.33 34.67
C THR A 208 -9.55 -16.48 34.95
N LYS A 209 -9.20 -16.72 36.21
CA LYS A 209 -7.84 -17.09 36.61
C LYS A 209 -7.92 -18.34 37.46
N VAL A 210 -7.16 -19.36 37.09
CA VAL A 210 -7.18 -20.66 37.76
C VAL A 210 -5.74 -21.13 37.97
N ASP A 211 -5.44 -21.58 39.19
CA ASP A 211 -4.16 -22.20 39.49
C ASP A 211 -4.34 -23.70 39.66
N LYS A 212 -3.31 -24.45 39.27
CA LYS A 212 -3.33 -25.91 39.38
C LYS A 212 -1.95 -26.37 39.83
N THR A 213 -1.89 -26.98 41.00
CA THR A 213 -0.65 -27.55 41.51
C THR A 213 -0.59 -29.02 41.10
N VAL A 214 0.48 -29.40 40.40
CA VAL A 214 0.61 -30.74 39.84
C VAL A 214 1.69 -31.49 40.60
N ALA A 215 1.41 -32.75 40.92
CA ALA A 215 2.34 -33.63 41.61
C ALA A 215 2.46 -34.95 40.85
N PRO A 216 3.62 -35.59 40.91
CA PRO A 216 3.79 -36.84 40.15
C PRO A 216 3.00 -38.01 40.71
N SER A 217 1.95 -38.41 40.02
CA SER A 217 1.14 -39.56 40.41
C SER A 217 0.32 -40.08 39.23
N GLY B 2 -3.63 -3.07 -10.98
CA GLY B 2 -3.18 -3.17 -9.61
C GLY B 2 -2.08 -4.20 -9.40
N GLN B 3 -0.98 -3.76 -8.81
CA GLN B 3 0.19 -4.63 -8.65
C GLN B 3 -0.12 -5.82 -7.74
N VAL B 4 0.37 -6.99 -8.15
CA VAL B 4 0.29 -8.20 -7.36
C VAL B 4 1.70 -8.72 -7.15
N LEU B 5 2.07 -8.93 -5.89
CA LEU B 5 3.40 -9.43 -5.54
C LEU B 5 3.34 -10.94 -5.39
N THR B 6 4.25 -11.63 -6.08
CA THR B 6 4.34 -13.09 -6.05
C THR B 6 5.69 -13.49 -5.48
N GLN B 7 5.68 -14.29 -4.42
CA GLN B 7 6.89 -14.74 -3.75
C GLN B 7 7.11 -16.22 -4.02
N THR B 8 8.36 -16.56 -4.34
CA THR B 8 8.76 -17.95 -4.54
C THR B 8 10.10 -18.17 -3.87
N PRO B 9 10.34 -19.37 -3.33
CA PRO B 9 9.36 -20.44 -3.16
C PRO B 9 8.46 -20.18 -1.95
N ALA B 10 7.41 -20.99 -1.79
CA ALA B 10 6.56 -20.87 -0.61
C ALA B 10 7.34 -21.15 0.66
N SER B 11 8.20 -22.17 0.62
CA SER B 11 9.03 -22.53 1.77
C SER B 11 10.41 -22.96 1.28
N VAL B 12 11.44 -22.57 2.02
CA VAL B 12 12.81 -22.95 1.73
C VAL B 12 13.45 -23.50 2.98
N SER B 13 14.41 -24.40 2.80
CA SER B 13 15.18 -24.98 3.89
C SER B 13 16.66 -24.74 3.64
N ALA B 14 17.33 -24.13 4.60
CA ALA B 14 18.74 -23.78 4.47
C ALA B 14 19.51 -24.26 5.70
N ALA B 15 20.75 -24.68 5.47
CA ALA B 15 21.61 -25.15 6.55
C ALA B 15 22.16 -23.97 7.36
N VAL B 16 22.43 -24.22 8.64
CA VAL B 16 22.99 -23.19 9.51
C VAL B 16 24.31 -22.71 8.94
N GLY B 17 24.44 -21.40 8.78
CA GLY B 17 25.64 -20.80 8.23
C GLY B 17 25.70 -20.75 6.72
N GLY B 18 24.71 -21.30 6.03
CA GLY B 18 24.65 -21.24 4.58
C GLY B 18 23.96 -19.98 4.10
N THR B 19 23.65 -19.97 2.81
CA THR B 19 23.01 -18.85 2.15
C THR B 19 21.68 -19.28 1.54
N VAL B 20 20.66 -18.44 1.73
CA VAL B 20 19.32 -18.69 1.21
C VAL B 20 18.86 -17.46 0.44
N THR B 21 18.24 -17.68 -0.71
CA THR B 21 17.74 -16.60 -1.54
C THR B 21 16.26 -16.81 -1.84
N ILE B 22 15.46 -15.78 -1.61
CA ILE B 22 14.02 -15.80 -1.89
C ILE B 22 13.69 -14.65 -2.81
N LYS B 23 12.67 -14.86 -3.64
CA LYS B 23 12.34 -13.94 -4.72
C LYS B 23 10.96 -13.34 -4.53
N CYS B 24 10.81 -12.09 -5.00
CA CYS B 24 9.54 -11.38 -5.04
C CYS B 24 9.35 -10.82 -6.45
N GLN B 25 8.20 -11.09 -7.05
CA GLN B 25 7.89 -10.67 -8.41
C GLN B 25 6.61 -9.84 -8.41
N ALA B 26 6.62 -8.76 -9.19
CA ALA B 26 5.48 -7.86 -9.29
C ALA B 26 4.85 -7.96 -10.67
N SER B 27 3.52 -7.93 -10.70
CA SER B 27 2.80 -7.97 -11.98
C SER B 27 3.12 -6.75 -12.83
N GLN B 28 3.12 -5.56 -12.22
CA GLN B 28 3.51 -4.33 -12.88
C GLN B 28 4.70 -3.74 -12.14
N SER B 29 5.39 -2.82 -12.80
CA SER B 29 6.59 -2.23 -12.22
C SER B 29 6.27 -1.48 -10.93
N VAL B 30 7.12 -1.67 -9.92
CA VAL B 30 7.09 -0.91 -8.68
C VAL B 30 8.37 -0.14 -8.46
N SER B 31 9.25 -0.09 -9.45
CA SER B 31 10.49 0.68 -9.42
C SER B 31 11.38 0.27 -8.25
N THR B 32 11.54 1.16 -7.28
CA THR B 32 12.40 0.92 -6.12
C THR B 32 11.60 0.85 -4.82
N ALA B 33 10.28 0.92 -4.89
CA ALA B 33 9.43 0.97 -3.69
C ALA B 33 8.99 -0.43 -3.27
N LEU B 34 9.97 -1.25 -2.92
CA LEU B 34 9.71 -2.58 -2.37
C LEU B 34 10.34 -2.66 -0.99
N ALA B 35 9.74 -3.46 -0.11
CA ALA B 35 10.25 -3.61 1.25
C ALA B 35 10.16 -5.07 1.66
N TRP B 36 11.01 -5.46 2.60
CA TRP B 36 11.04 -6.82 3.12
C TRP B 36 10.74 -6.80 4.62
N TYR B 37 9.77 -7.61 5.03
CA TYR B 37 9.39 -7.77 6.42
C TYR B 37 9.71 -9.17 6.90
N GLN B 38 10.20 -9.27 8.13
CA GLN B 38 10.43 -10.54 8.81
C GLN B 38 9.39 -10.69 9.92
N GLN B 39 8.76 -11.86 9.98
CA GLN B 39 7.77 -12.13 11.03
C GLN B 39 7.95 -13.53 11.57
N LYS B 40 8.08 -13.64 12.88
CA LYS B 40 8.15 -14.90 13.60
C LYS B 40 6.77 -15.26 14.16
N PRO B 41 6.51 -16.55 14.40
CA PRO B 41 5.17 -16.93 14.88
C PRO B 41 4.82 -16.24 16.19
N GLY B 42 3.57 -15.79 16.27
CA GLY B 42 3.12 -15.07 17.43
C GLY B 42 3.74 -13.70 17.66
N GLN B 43 4.33 -13.12 16.62
CA GLN B 43 5.03 -11.85 16.77
C GLN B 43 4.63 -10.90 15.65
N ARG B 44 4.78 -9.60 15.92
CA ARG B 44 4.42 -8.59 14.94
C ARG B 44 5.48 -8.52 13.82
N PRO B 45 5.10 -8.04 12.64
CA PRO B 45 6.08 -7.91 11.55
C PRO B 45 7.19 -6.93 11.93
N LYS B 46 8.40 -7.25 11.45
CA LYS B 46 9.59 -6.44 11.68
C LYS B 46 10.16 -6.01 10.34
N LEU B 47 10.25 -4.70 10.12
CA LEU B 47 10.82 -4.20 8.89
C LEU B 47 12.33 -4.39 8.88
N LEU B 48 12.86 -4.97 7.81
CA LEU B 48 14.29 -5.18 7.65
C LEU B 48 14.90 -4.33 6.56
N ILE B 49 14.26 -4.26 5.39
CA ILE B 49 14.78 -3.52 4.25
C ILE B 49 13.66 -2.62 3.71
N TYR B 50 13.88 -1.31 3.74
CA TYR B 50 13.02 -0.37 3.04
C TYR B 50 13.73 0.09 1.78
N LEU B 51 12.94 0.42 0.76
CA LEU B 51 13.44 0.55 -0.61
C LEU B 51 14.10 -0.75 -1.01
N ALA B 52 14.82 -0.76 -2.14
CA ALA B 52 15.34 -2.01 -2.66
C ALA B 52 16.30 -2.68 -1.69
N SER B 53 17.24 -1.90 -1.12
CA SER B 53 18.38 -2.53 -0.47
C SER B 53 18.83 -1.84 0.82
N THR B 54 18.00 -1.03 1.45
CA THR B 54 18.42 -0.25 2.60
C THR B 54 17.97 -0.93 3.89
N LEU B 55 18.93 -1.34 4.71
CA LEU B 55 18.64 -1.97 5.99
C LEU B 55 18.21 -0.94 7.02
N THR B 56 17.30 -1.35 7.91
CA THR B 56 16.93 -0.51 9.04
C THR B 56 17.96 -0.67 10.15
N SER B 57 17.81 0.17 11.19
CA SER B 57 18.77 0.16 12.29
C SER B 57 18.69 -1.15 13.07
N GLY B 58 19.86 -1.71 13.38
CA GLY B 58 19.96 -2.93 14.16
C GLY B 58 19.94 -4.20 13.35
N VAL B 59 19.59 -4.15 12.07
CA VAL B 59 19.57 -5.35 11.24
C VAL B 59 21.00 -5.70 10.86
N PRO B 60 21.43 -6.95 11.05
CA PRO B 60 22.81 -7.33 10.70
C PRO B 60 23.07 -7.22 9.20
N SER B 61 24.35 -7.03 8.88
CA SER B 61 24.78 -6.95 7.49
C SER B 61 24.57 -8.26 6.74
N ARG B 62 24.33 -9.36 7.44
CA ARG B 62 24.08 -10.64 6.78
C ARG B 62 22.82 -10.60 5.93
N PHE B 63 21.93 -9.64 6.18
CA PHE B 63 20.75 -9.44 5.34
C PHE B 63 21.07 -8.40 4.28
N LYS B 64 20.83 -8.75 3.01
CA LYS B 64 20.93 -7.78 1.93
C LYS B 64 19.82 -8.03 0.92
N GLY B 65 19.35 -6.95 0.30
CA GLY B 65 18.30 -7.05 -0.69
C GLY B 65 18.73 -6.42 -2.00
N SER B 66 18.07 -6.80 -3.09
CA SER B 66 18.42 -6.25 -4.40
C SER B 66 17.22 -6.40 -5.31
N GLY B 67 17.26 -5.67 -6.44
CA GLY B 67 16.21 -5.70 -7.42
C GLY B 67 15.78 -4.31 -7.82
N SER B 68 15.00 -4.28 -8.90
CA SER B 68 14.52 -3.02 -9.46
C SER B 68 13.41 -3.31 -10.46
N GLY B 69 12.34 -2.53 -10.38
CA GLY B 69 11.28 -2.59 -11.37
C GLY B 69 10.28 -3.71 -11.14
N THR B 70 10.66 -4.94 -11.49
CA THR B 70 9.72 -6.06 -11.41
C THR B 70 10.29 -7.31 -10.78
N GLU B 71 11.60 -7.42 -10.57
CA GLU B 71 12.21 -8.59 -9.97
C GLU B 71 13.04 -8.16 -8.76
N PHE B 72 12.79 -8.80 -7.63
CA PHE B 72 13.54 -8.52 -6.40
C PHE B 72 13.91 -9.84 -5.73
N THR B 73 15.06 -9.83 -5.04
CA THR B 73 15.51 -10.98 -4.27
C THR B 73 15.95 -10.54 -2.89
N LEU B 74 15.84 -11.46 -1.93
CA LEU B 74 16.36 -11.28 -0.58
C LEU B 74 17.28 -12.46 -0.27
N THR B 75 18.49 -12.16 0.18
CA THR B 75 19.48 -13.18 0.48
C THR B 75 19.96 -13.04 1.92
N ILE B 76 20.09 -14.17 2.60
CA ILE B 76 20.63 -14.23 3.96
C ILE B 76 21.91 -15.05 3.90
N SER B 77 23.03 -14.44 4.26
CA SER B 77 24.32 -15.12 4.29
C SER B 77 24.69 -15.44 5.73
N GLY B 78 25.19 -16.65 5.95
CA GLY B 78 25.46 -17.10 7.30
C GLY B 78 24.21 -17.14 8.15
N VAL B 79 23.14 -17.76 7.62
CA VAL B 79 21.85 -17.74 8.28
C VAL B 79 21.94 -18.42 9.65
N GLU B 80 21.40 -17.75 10.67
CA GLU B 80 21.39 -18.26 12.03
C GLU B 80 20.05 -18.97 12.30
N CYS B 81 19.95 -19.58 13.48
CA CYS B 81 18.66 -20.12 13.89
C CYS B 81 17.67 -18.99 14.24
N ASP B 82 18.20 -17.83 14.63
CA ASP B 82 17.34 -16.67 14.89
C ASP B 82 16.70 -16.13 13.62
N ASP B 83 17.25 -16.45 12.45
CA ASP B 83 16.71 -15.98 11.18
C ASP B 83 15.54 -16.82 10.69
N ALA B 84 15.19 -17.90 11.39
CA ALA B 84 14.06 -18.73 10.99
C ALA B 84 12.76 -17.96 11.22
N ALA B 85 12.10 -17.60 10.12
CA ALA B 85 10.85 -16.85 10.19
C ALA B 85 10.19 -16.91 8.82
N THR B 86 9.09 -16.19 8.68
CA THR B 86 8.40 -16.01 7.40
C THR B 86 8.64 -14.59 6.91
N TYR B 87 9.03 -14.45 5.65
CA TYR B 87 9.44 -13.17 5.08
C TYR B 87 8.44 -12.72 4.03
N TYR B 88 7.99 -11.47 4.15
CA TYR B 88 7.02 -10.87 3.25
C TYR B 88 7.65 -9.69 2.52
N CYS B 89 7.35 -9.56 1.23
CA CYS B 89 7.70 -8.37 0.48
C CYS B 89 6.48 -7.47 0.34
N GLN B 90 6.68 -6.17 0.48
CA GLN B 90 5.60 -5.19 0.45
C GLN B 90 6.01 -4.04 -0.47
N GLN B 91 5.13 -3.70 -1.41
CA GLN B 91 5.39 -2.62 -2.35
C GLN B 91 4.57 -1.40 -1.96
N GLY B 92 5.18 -0.22 -2.06
CA GLY B 92 4.52 1.02 -1.76
C GLY B 92 4.43 1.94 -2.96
N TYR B 93 4.58 1.37 -4.15
CA TYR B 93 4.54 2.19 -5.37
C TYR B 93 3.14 2.73 -5.63
N SER B 94 2.14 1.86 -5.58
CA SER B 94 0.77 2.27 -5.86
C SER B 94 -0.20 1.38 -5.09
N TYR B 95 -1.20 2.00 -4.47
CA TYR B 95 -2.27 1.29 -3.78
C TYR B 95 -3.58 1.32 -4.55
N SER B 96 -3.56 1.75 -5.81
CA SER B 96 -4.77 1.83 -6.62
C SER B 96 -5.11 0.47 -7.20
N ASN B 97 -6.37 0.06 -7.04
CA ASN B 97 -6.87 -1.23 -7.52
C ASN B 97 -6.02 -2.40 -7.01
N VAL B 98 -5.63 -2.32 -5.74
CA VAL B 98 -4.72 -3.30 -5.14
C VAL B 98 -5.51 -4.16 -4.15
N ASP B 99 -5.36 -5.47 -4.28
CA ASP B 99 -5.95 -6.39 -3.30
C ASP B 99 -5.06 -6.61 -2.10
N ASN B 100 -3.75 -6.51 -2.26
CA ASN B 100 -2.82 -6.74 -1.15
C ASN B 100 -1.47 -6.12 -1.51
N SER B 101 -0.98 -5.21 -0.68
CA SER B 101 0.35 -4.65 -0.89
C SER B 101 1.45 -5.64 -0.51
N PHE B 102 1.11 -6.69 0.24
CA PHE B 102 2.05 -7.72 0.64
C PHE B 102 1.99 -8.91 -0.32
N GLY B 103 3.12 -9.57 -0.50
CA GLY B 103 3.16 -10.84 -1.19
C GLY B 103 2.67 -11.97 -0.32
N GLY B 104 2.59 -13.16 -0.92
CA GLY B 104 2.10 -14.32 -0.20
C GLY B 104 2.99 -14.78 0.95
N GLY B 105 4.24 -14.34 0.96
CA GLY B 105 5.15 -14.68 2.02
C GLY B 105 5.97 -15.94 1.72
N THR B 106 7.09 -16.05 2.42
CA THR B 106 7.96 -17.21 2.30
C THR B 106 8.54 -17.52 3.67
N GLU B 107 8.36 -18.76 4.13
CA GLU B 107 8.93 -19.21 5.39
C GLU B 107 10.24 -19.92 5.10
N VAL B 108 11.28 -19.59 5.86
CA VAL B 108 12.59 -20.21 5.70
C VAL B 108 12.89 -21.04 6.95
N VAL B 109 13.07 -22.34 6.75
CA VAL B 109 13.44 -23.25 7.82
C VAL B 109 14.96 -23.37 7.85
N VAL B 110 15.55 -23.21 9.03
CA VAL B 110 16.99 -23.27 9.20
C VAL B 110 17.35 -24.66 9.70
N LYS B 111 18.16 -25.39 8.92
CA LYS B 111 18.55 -26.75 9.25
C LYS B 111 19.69 -26.72 10.27
N GLY B 112 19.38 -27.06 11.51
CA GLY B 112 20.37 -27.17 12.56
C GLY B 112 20.92 -28.58 12.67
N ASP B 113 21.56 -28.86 13.79
CA ASP B 113 22.06 -30.20 14.05
C ASP B 113 20.89 -31.16 14.21
N PRO B 114 20.96 -32.34 13.60
CA PRO B 114 19.89 -33.34 13.79
C PRO B 114 19.93 -33.91 15.19
N VAL B 115 18.80 -33.81 15.89
CA VAL B 115 18.67 -34.27 17.27
C VAL B 115 17.45 -35.18 17.37
N ALA B 116 17.61 -36.33 18.00
CA ALA B 116 16.50 -37.24 18.18
C ALA B 116 15.54 -36.73 19.26
N PRO B 117 14.24 -36.98 19.10
CA PRO B 117 13.28 -36.50 20.09
C PRO B 117 13.19 -37.41 21.31
N SER B 118 13.01 -36.76 22.47
CA SER B 118 12.55 -37.44 23.66
C SER B 118 11.03 -37.41 23.69
N VAL B 119 10.41 -38.49 24.14
CA VAL B 119 8.96 -38.63 24.07
C VAL B 119 8.41 -38.88 25.47
N LEU B 120 7.38 -38.15 25.84
CA LEU B 120 6.66 -38.33 27.10
C LEU B 120 5.18 -38.50 26.79
N ILE B 121 4.51 -39.35 27.56
CA ILE B 121 3.08 -39.58 27.39
C ILE B 121 2.40 -39.36 28.74
N PHE B 122 1.31 -38.61 28.73
CA PHE B 122 0.59 -38.25 29.95
C PHE B 122 -0.81 -38.85 29.93
N PRO B 123 -1.12 -39.72 30.88
CA PRO B 123 -2.49 -40.25 30.98
C PRO B 123 -3.45 -39.16 31.41
N PRO B 124 -4.73 -39.28 31.06
CA PRO B 124 -5.71 -38.29 31.51
C PRO B 124 -5.82 -38.29 33.03
N ALA B 125 -6.01 -37.10 33.60
CA ALA B 125 -6.17 -36.98 35.03
C ALA B 125 -7.49 -37.60 35.47
N ALA B 126 -7.57 -37.94 36.76
CA ALA B 126 -8.82 -38.46 37.30
C ALA B 126 -9.97 -37.47 37.12
N ASP B 127 -9.66 -36.17 37.10
CA ASP B 127 -10.70 -35.17 36.84
C ASP B 127 -11.24 -35.27 35.42
N GLN B 128 -10.40 -35.66 34.45
CA GLN B 128 -10.84 -35.72 33.06
C GLN B 128 -11.91 -36.78 32.86
N VAL B 129 -11.71 -37.98 33.41
CA VAL B 129 -12.62 -39.09 33.16
C VAL B 129 -14.01 -38.79 33.69
N ALA B 130 -14.11 -37.91 34.69
CA ALA B 130 -15.43 -37.54 35.22
C ALA B 130 -16.25 -36.78 34.18
N THR B 131 -15.60 -35.95 33.37
CA THR B 131 -16.31 -35.04 32.48
C THR B 131 -16.92 -35.74 31.27
N GLY B 132 -16.59 -37.00 31.02
CA GLY B 132 -17.12 -37.75 29.91
C GLY B 132 -16.22 -37.84 28.70
N THR B 133 -15.22 -36.97 28.59
CA THR B 133 -14.23 -37.03 27.53
C THR B 133 -12.84 -36.90 28.15
N VAL B 134 -11.87 -37.62 27.58
CA VAL B 134 -10.51 -37.64 28.09
C VAL B 134 -9.57 -37.22 26.96
N THR B 135 -8.41 -36.69 27.35
CA THR B 135 -7.40 -36.23 26.40
C THR B 135 -6.04 -36.75 26.85
N ILE B 136 -5.45 -37.64 26.06
CA ILE B 136 -4.11 -38.14 26.32
C ILE B 136 -3.12 -37.26 25.57
N VAL B 137 -2.11 -36.78 26.29
CA VAL B 137 -1.14 -35.83 25.75
C VAL B 137 0.19 -36.54 25.54
N CYS B 138 0.74 -36.40 24.33
CA CYS B 138 2.05 -36.92 23.98
C CYS B 138 2.93 -35.75 23.55
N VAL B 139 4.16 -35.72 24.05
CA VAL B 139 5.08 -34.61 23.81
C VAL B 139 6.39 -35.16 23.26
N ALA B 140 6.87 -34.56 22.16
CA ALA B 140 8.19 -34.82 21.61
C ALA B 140 9.05 -33.58 21.80
N ASN B 141 10.24 -33.75 22.37
CA ASN B 141 11.05 -32.62 22.82
C ASN B 141 12.33 -32.50 22.01
N LYS B 142 12.65 -31.27 21.62
CA LYS B 142 13.97 -30.87 21.12
C LYS B 142 14.46 -31.82 20.01
N TYR B 143 13.74 -31.78 18.89
CA TYR B 143 14.04 -32.66 17.77
C TYR B 143 14.23 -31.86 16.49
N PHE B 144 14.95 -32.47 15.56
CA PHE B 144 15.13 -31.98 14.19
C PHE B 144 15.73 -33.09 13.34
N PRO B 145 15.22 -33.34 12.13
CA PRO B 145 14.13 -32.65 11.43
C PRO B 145 12.73 -33.02 11.94
N ASP B 146 11.71 -32.72 11.12
CA ASP B 146 10.33 -32.93 11.52
C ASP B 146 10.05 -34.40 11.81
N VAL B 147 8.96 -34.64 12.55
CA VAL B 147 8.56 -35.98 12.93
C VAL B 147 7.10 -36.19 12.54
N THR B 148 6.73 -37.46 12.35
CA THR B 148 5.35 -37.87 12.15
C THR B 148 4.94 -38.74 13.33
N VAL B 149 3.80 -38.42 13.92
CA VAL B 149 3.34 -39.09 15.13
C VAL B 149 2.11 -39.94 14.79
N THR B 150 2.06 -41.14 15.37
CA THR B 150 0.96 -42.07 15.14
C THR B 150 0.40 -42.53 16.48
N TRP B 151 -0.92 -42.63 16.57
CA TRP B 151 -1.60 -43.11 17.76
C TRP B 151 -2.23 -44.47 17.46
N GLU B 152 -2.01 -45.43 18.35
CA GLU B 152 -2.70 -46.70 18.28
C GLU B 152 -3.11 -47.13 19.68
N VAL B 153 -4.34 -47.61 19.81
CA VAL B 153 -4.90 -48.05 21.08
C VAL B 153 -5.17 -49.54 20.98
N ASP B 154 -4.59 -50.30 21.91
CA ASP B 154 -4.65 -51.77 21.88
C ASP B 154 -4.10 -52.31 20.56
N GLY B 155 -3.18 -51.57 19.95
CA GLY B 155 -2.59 -51.93 18.67
C GLY B 155 -3.36 -51.47 17.46
N THR B 156 -4.54 -50.88 17.65
CA THR B 156 -5.37 -50.44 16.54
C THR B 156 -5.03 -48.97 16.26
N THR B 157 -4.44 -48.71 15.09
CA THR B 157 -4.03 -47.36 14.74
C THR B 157 -5.25 -46.44 14.68
N GLN B 158 -5.08 -45.22 15.20
CA GLN B 158 -6.16 -44.27 15.33
C GLN B 158 -6.08 -43.24 14.21
N THR B 159 -7.26 -42.85 13.68
CA THR B 159 -7.33 -41.93 12.57
C THR B 159 -8.17 -40.69 12.85
N THR B 160 -8.85 -40.61 13.99
CA THR B 160 -9.74 -39.49 14.29
C THR B 160 -9.41 -38.92 15.67
N GLY B 161 -9.71 -37.64 15.84
CA GLY B 161 -9.48 -36.96 17.11
C GLY B 161 -8.03 -36.81 17.51
N ILE B 162 -7.17 -36.42 16.57
CA ILE B 162 -5.76 -36.15 16.87
C ILE B 162 -5.50 -34.68 16.56
N GLU B 163 -4.94 -33.96 17.53
CA GLU B 163 -4.57 -32.56 17.39
C GLU B 163 -3.08 -32.41 17.61
N ASN B 164 -2.40 -31.78 16.65
CA ASN B 164 -0.96 -31.59 16.70
C ASN B 164 -0.62 -30.11 16.77
N SER B 165 0.29 -29.76 17.66
CA SER B 165 0.78 -28.40 17.81
C SER B 165 2.29 -28.42 17.86
N LYS B 166 2.93 -27.65 16.99
CA LYS B 166 4.39 -27.61 16.89
C LYS B 166 4.88 -26.21 17.27
N THR B 167 5.86 -26.15 18.17
CA THR B 167 6.43 -24.87 18.54
C THR B 167 7.26 -24.30 17.39
N PRO B 168 7.41 -22.98 17.32
CA PRO B 168 8.37 -22.41 16.37
C PRO B 168 9.78 -22.86 16.70
N GLN B 169 10.63 -22.85 15.67
CA GLN B 169 12.00 -23.30 15.83
C GLN B 169 12.70 -22.52 16.93
N ASN B 170 13.48 -23.23 17.75
CA ASN B 170 14.26 -22.58 18.78
C ASN B 170 15.24 -21.59 18.15
N SER B 171 15.31 -20.39 18.73
CA SER B 171 16.17 -19.36 18.16
C SER B 171 17.64 -19.62 18.37
N ALA B 172 18.00 -20.63 19.17
CA ALA B 172 19.41 -20.93 19.45
C ALA B 172 19.88 -22.19 18.72
N ASP B 173 19.19 -23.32 18.90
CA ASP B 173 19.65 -24.58 18.35
C ASP B 173 18.76 -25.12 17.23
N CYS B 174 17.76 -24.36 16.79
CA CYS B 174 16.87 -24.66 15.67
C CYS B 174 15.90 -25.81 15.94
N THR B 175 15.90 -26.39 17.14
CA THR B 175 15.11 -27.58 17.38
C THR B 175 13.62 -27.25 17.53
N TYR B 176 12.79 -28.28 17.36
CA TYR B 176 11.34 -28.19 17.47
C TYR B 176 10.86 -28.77 18.81
N ASN B 177 9.56 -28.56 19.07
CA ASN B 177 8.85 -29.23 20.14
C ASN B 177 7.42 -29.46 19.67
N LEU B 178 6.89 -30.65 19.93
CA LEU B 178 5.58 -31.03 19.42
C LEU B 178 4.74 -31.68 20.52
N SER B 179 3.44 -31.36 20.51
CA SER B 179 2.47 -32.02 21.37
C SER B 179 1.35 -32.58 20.50
N SER B 180 0.96 -33.82 20.76
CA SER B 180 -0.15 -34.46 20.07
C SER B 180 -1.15 -34.96 21.10
N THR B 181 -2.43 -34.72 20.85
CA THR B 181 -3.49 -35.09 21.78
C THR B 181 -4.49 -36.01 21.11
N LEU B 182 -4.93 -37.03 21.85
CA LEU B 182 -6.00 -37.92 21.43
C LEU B 182 -7.17 -37.75 22.39
N THR B 183 -8.33 -37.39 21.84
CA THR B 183 -9.53 -37.16 22.64
C THR B 183 -10.56 -38.23 22.31
N LEU B 184 -11.04 -38.92 23.34
CA LEU B 184 -12.05 -39.95 23.20
C LEU B 184 -13.11 -39.77 24.28
N THR B 185 -14.26 -40.39 24.06
CA THR B 185 -15.27 -40.44 25.10
C THR B 185 -14.82 -41.36 26.22
N SER B 186 -15.36 -41.12 27.42
CA SER B 186 -14.97 -41.93 28.58
C SER B 186 -15.33 -43.40 28.38
N THR B 187 -16.42 -43.68 27.68
CA THR B 187 -16.79 -45.07 27.39
C THR B 187 -15.74 -45.75 26.53
N GLN B 188 -15.28 -45.05 25.48
CA GLN B 188 -14.23 -45.62 24.63
C GLN B 188 -12.92 -45.75 25.38
N TYR B 189 -12.57 -44.75 26.20
CA TYR B 189 -11.31 -44.80 26.93
C TYR B 189 -11.25 -45.97 27.89
N ASN B 190 -12.33 -46.21 28.63
CA ASN B 190 -12.38 -47.32 29.58
C ASN B 190 -12.61 -48.67 28.90
N SER B 191 -12.69 -48.69 27.57
CA SER B 191 -12.93 -49.91 26.81
C SER B 191 -11.64 -50.54 26.26
N HIS B 192 -10.48 -49.98 26.57
CA HIS B 192 -9.23 -50.50 26.04
C HIS B 192 -8.12 -50.30 27.07
N LYS B 193 -7.08 -51.12 26.93
CA LYS B 193 -6.03 -51.24 27.94
C LYS B 193 -4.83 -50.34 27.70
N GLU B 194 -4.14 -50.53 26.57
CA GLU B 194 -2.84 -49.92 26.35
C GLU B 194 -2.94 -48.79 25.34
N TYR B 195 -2.39 -47.63 25.70
CA TYR B 195 -2.36 -46.45 24.84
C TYR B 195 -0.91 -46.09 24.57
N THR B 196 -0.51 -46.15 23.30
CA THR B 196 0.87 -45.92 22.91
C THR B 196 0.97 -44.73 21.96
N CYS B 197 1.99 -43.91 22.18
CA CYS B 197 2.33 -42.82 21.28
C CYS B 197 3.67 -43.12 20.63
N LYS B 198 3.71 -43.10 19.30
CA LYS B 198 4.95 -43.35 18.57
C LYS B 198 5.28 -42.14 17.71
N VAL B 199 6.51 -41.65 17.85
CA VAL B 199 7.00 -40.47 17.13
C VAL B 199 8.05 -40.96 16.15
N THR B 200 7.78 -40.81 14.86
CA THR B 200 8.65 -41.33 13.80
C THR B 200 9.45 -40.18 13.19
N GLN B 201 10.78 -40.34 13.19
CA GLN B 201 11.69 -39.40 12.56
C GLN B 201 12.50 -40.18 11.53
N GLY B 202 12.10 -40.07 10.27
CA GLY B 202 12.72 -40.85 9.22
C GLY B 202 12.40 -42.32 9.35
N THR B 203 13.41 -43.13 9.66
CA THR B 203 13.23 -44.57 9.81
C THR B 203 13.22 -45.03 11.26
N THR B 204 13.53 -44.13 12.21
CA THR B 204 13.57 -44.47 13.63
C THR B 204 12.35 -43.90 14.33
N SER B 205 11.63 -44.75 15.04
CA SER B 205 10.45 -44.33 15.80
C SER B 205 10.72 -44.53 17.28
N VAL B 206 10.50 -43.47 18.05
CA VAL B 206 10.54 -43.52 19.51
C VAL B 206 9.11 -43.60 20.00
N VAL B 207 8.78 -44.67 20.72
CA VAL B 207 7.42 -44.98 21.14
C VAL B 207 7.37 -45.02 22.66
N GLN B 208 6.35 -44.38 23.22
CA GLN B 208 6.09 -44.40 24.65
C GLN B 208 4.66 -44.88 24.88
N SER B 209 4.46 -45.63 25.96
CA SER B 209 3.20 -46.32 26.19
C SER B 209 2.83 -46.24 27.66
N PHE B 210 1.58 -46.59 27.96
CA PHE B 210 1.11 -46.77 29.33
C PHE B 210 -0.12 -47.66 29.32
N ASN B 211 -0.38 -48.29 30.46
CA ASN B 211 -1.60 -49.06 30.67
C ASN B 211 -2.58 -48.27 31.53
N ARG B 212 -3.86 -48.34 31.17
CA ARG B 212 -4.87 -47.61 31.92
C ARG B 212 -4.97 -48.11 33.37
N GLY B 213 -4.85 -49.42 33.56
CA GLY B 213 -4.87 -49.96 34.91
C GLY B 213 -3.70 -49.53 35.77
N ASP B 214 -2.54 -49.33 35.16
CA ASP B 214 -1.35 -48.94 35.92
C ASP B 214 -1.52 -47.57 36.57
N CYS B 215 -2.32 -46.69 35.97
CA CYS B 215 -2.50 -45.34 36.51
C CYS B 215 -3.92 -45.17 37.06
N SER C 3 13.09 10.45 -1.48
CA SER C 3 13.29 9.04 -1.80
C SER C 3 12.16 8.21 -1.19
N LEU C 4 11.91 8.42 0.10
CA LEU C 4 10.75 7.82 0.76
C LEU C 4 9.56 8.77 0.81
N ARG C 5 9.79 10.07 0.74
CA ARG C 5 8.71 11.06 0.78
C ARG C 5 7.93 11.00 -0.53
N ASN C 6 6.69 10.55 -0.48
CA ASN C 6 5.92 10.40 -1.71
C ASN C 6 4.60 11.15 -1.74
N VAL C 7 4.20 11.89 -0.69
CA VAL C 7 2.89 12.53 -0.76
C VAL C 7 3.10 14.04 -0.72
N TYR C 8 2.32 14.74 -1.53
CA TYR C 8 2.30 16.20 -1.69
C TYR C 8 0.91 16.78 -1.53
N ASP C 9 0.83 18.03 -1.06
CA ASP C 9 -0.44 18.68 -0.78
C ASP C 9 -0.77 19.54 -2.00
N MET C 10 -2.04 19.60 -2.37
CA MET C 10 -2.53 20.52 -3.42
C MET C 10 -3.60 21.46 -2.87
N LYS C 11 -3.21 22.71 -2.62
CA LYS C 11 -4.11 23.72 -2.05
C LYS C 11 -4.98 24.35 -3.13
N ILE C 12 -6.29 24.37 -2.90
CA ILE C 12 -7.29 24.98 -3.77
C ILE C 12 -8.09 26.03 -3.00
N GLU C 13 -7.93 27.31 -3.37
CA GLU C 13 -8.53 28.41 -2.64
C GLU C 13 -10.00 28.61 -3.03
N CYS C 14 -10.84 28.91 -2.04
CA CYS C 14 -12.28 29.12 -2.19
C CYS C 14 -12.78 30.43 -1.57
N PRO C 15 -13.60 31.20 -2.27
CA PRO C 15 -14.18 32.40 -1.66
C PRO C 15 -15.36 32.03 -0.77
N HIS C 16 -15.75 32.98 0.10
CA HIS C 16 -16.87 32.73 1.01
C HIS C 16 -18.22 32.60 0.31
N THR C 17 -18.49 33.43 -0.69
CA THR C 17 -19.73 33.38 -1.47
C THR C 17 -19.50 32.78 -2.85
N VAL C 18 -20.35 31.83 -3.22
CA VAL C 18 -20.17 31.03 -4.42
C VAL C 18 -21.42 31.18 -5.27
N SER C 19 -21.22 31.45 -6.57
CA SER C 19 -22.30 31.55 -7.53
C SER C 19 -22.41 30.31 -8.41
N GLU C 22 -21.28 29.31 -13.36
CA GLU C 22 -20.38 28.86 -14.42
C GLU C 22 -18.92 28.96 -13.99
N ASN C 23 -18.70 29.18 -12.70
CA ASN C 23 -17.35 29.35 -12.17
C ASN C 23 -16.73 27.99 -11.86
N SER C 24 -15.46 27.83 -12.25
CA SER C 24 -14.66 26.65 -11.92
C SER C 24 -13.37 27.09 -11.23
N VAL C 25 -12.93 26.27 -10.28
CA VAL C 25 -11.66 26.52 -9.59
C VAL C 25 -10.65 25.48 -10.05
N ILE C 26 -9.37 25.83 -9.91
CA ILE C 26 -8.29 24.98 -10.37
C ILE C 26 -7.19 24.95 -9.31
N GLY C 27 -6.61 23.77 -9.09
CA GLY C 27 -5.41 23.65 -8.29
C GLY C 27 -4.37 22.85 -9.05
N TYR C 28 -3.11 23.03 -8.67
CA TYR C 28 -2.05 22.30 -9.34
C TYR C 28 -0.88 22.07 -8.38
N VAL C 29 -0.11 21.04 -8.68
CA VAL C 29 1.10 20.71 -7.95
C VAL C 29 2.08 20.04 -8.90
N GLU C 30 3.34 20.48 -8.87
CA GLU C 30 4.38 19.90 -9.70
C GLU C 30 5.09 18.82 -8.89
N LEU C 31 5.11 17.60 -9.41
CA LEU C 31 5.64 16.47 -8.68
C LEU C 31 7.10 16.23 -9.04
N PRO C 32 7.86 15.57 -8.16
CA PRO C 32 9.28 15.33 -8.42
C PRO C 32 9.47 14.42 -9.63
N PRO C 33 10.67 14.39 -10.19
CA PRO C 33 10.90 13.58 -11.39
C PRO C 33 10.81 12.08 -11.11
N MET C 34 10.22 11.37 -12.06
CA MET C 34 10.09 9.92 -12.10
C MET C 34 10.63 9.42 -13.43
N PRO C 35 11.13 8.19 -13.48
CA PRO C 35 11.68 7.66 -14.74
C PRO C 35 10.67 7.66 -15.87
N LEU C 36 11.17 7.90 -17.09
CA LEU C 36 10.30 8.06 -18.25
C LEU C 36 9.51 6.79 -18.53
N ALA C 37 10.14 5.62 -18.39
CA ALA C 37 9.45 4.37 -18.70
C ALA C 37 8.26 4.13 -17.78
N ASP C 38 8.33 4.60 -16.53
CA ASP C 38 7.27 4.37 -15.57
C ASP C 38 6.03 5.24 -15.82
N THR C 39 6.12 6.24 -16.70
CA THR C 39 4.96 7.07 -16.98
C THR C 39 3.97 6.38 -17.93
N ALA C 40 4.35 5.24 -18.50
CA ALA C 40 3.44 4.51 -19.38
C ALA C 40 2.29 3.93 -18.57
N GLN C 41 1.08 4.05 -19.12
CA GLN C 41 -0.16 3.59 -18.50
C GLN C 41 -0.43 4.25 -17.15
N MET C 42 0.27 5.35 -16.86
CA MET C 42 0.07 6.07 -15.60
C MET C 42 -1.21 6.88 -15.71
N VAL C 43 -2.14 6.67 -14.78
CA VAL C 43 -3.42 7.38 -14.81
C VAL C 43 -3.76 7.87 -13.42
N PRO C 44 -4.40 9.03 -13.31
CA PRO C 44 -4.83 9.50 -11.99
C PRO C 44 -5.96 8.63 -11.45
N GLU C 45 -5.84 8.25 -10.18
CA GLU C 45 -6.87 7.49 -9.48
C GLU C 45 -7.26 8.28 -8.24
N SER C 46 -8.45 8.85 -8.24
CA SER C 46 -8.85 9.70 -7.15
C SER C 46 -9.81 8.96 -6.24
N SER C 47 -9.86 9.36 -4.97
CA SER C 47 -10.82 8.73 -4.06
C SER C 47 -12.22 9.11 -4.50
N CYS C 48 -12.40 10.39 -4.79
CA CYS C 48 -13.66 10.99 -5.22
C CYS C 48 -13.87 10.69 -6.69
N SER C 49 -13.79 9.41 -7.06
CA SER C 49 -14.10 8.96 -8.41
C SER C 49 -15.58 8.84 -8.68
N MET C 50 -16.42 9.11 -7.68
CA MET C 50 -17.86 9.05 -7.89
C MET C 50 -18.38 10.28 -8.59
N ASP C 51 -17.56 11.32 -8.71
CA ASP C 51 -17.97 12.59 -9.32
C ASP C 51 -16.87 13.15 -10.21
N ASN C 52 -16.23 12.31 -11.02
CA ASN C 52 -15.21 12.78 -11.95
C ASN C 52 -15.60 12.32 -13.35
N HIS C 53 -15.25 13.13 -14.35
CA HIS C 53 -15.59 12.77 -15.72
C HIS C 53 -14.86 11.50 -16.17
N GLN C 54 -15.62 10.55 -16.71
CA GLN C 54 -15.11 9.24 -17.09
C GLN C 54 -14.17 9.26 -18.29
N SER C 55 -14.25 10.31 -19.13
CA SER C 55 -13.47 10.42 -20.37
C SER C 55 -12.00 10.76 -20.17
N ILE C 56 -11.60 11.30 -19.03
CA ILE C 56 -10.18 11.66 -18.85
C ILE C 56 -9.33 10.41 -18.71
N ASN C 57 -9.82 9.39 -18.01
CA ASN C 57 -9.05 8.16 -17.87
C ASN C 57 -9.01 7.33 -19.15
N THR C 58 -9.73 7.73 -20.20
CA THR C 58 -9.69 7.01 -21.47
C THR C 58 -8.36 7.28 -22.21
N ILE C 59 -8.15 6.52 -23.28
CA ILE C 59 -6.91 6.56 -24.05
C ILE C 59 -6.96 7.71 -25.05
N THR C 60 -5.87 8.48 -25.13
CA THR C 60 -5.64 9.46 -26.18
C THR C 60 -4.38 9.05 -26.94
N LYS C 61 -4.52 8.92 -28.26
CA LYS C 61 -3.39 8.51 -29.10
C LYS C 61 -2.36 9.63 -29.21
N TYR C 62 -1.12 9.33 -28.85
CA TYR C 62 -0.01 10.26 -28.96
C TYR C 62 1.04 9.73 -29.93
N THR C 63 1.70 10.64 -30.62
CA THR C 63 2.93 10.33 -31.34
C THR C 63 4.11 10.65 -30.43
N GLN C 64 4.87 9.64 -30.04
CA GLN C 64 6.00 9.81 -29.15
C GLN C 64 7.29 10.02 -29.95
N VAL C 65 8.00 11.10 -29.66
CA VAL C 65 9.25 11.42 -30.35
C VAL C 65 10.34 11.44 -29.28
N ILE C 66 11.30 10.51 -29.39
CA ILE C 66 12.44 10.49 -28.48
C ILE C 66 13.71 10.59 -29.32
N TRP C 67 14.81 10.98 -28.68
CA TRP C 67 16.11 10.96 -29.33
C TRP C 67 17.07 10.12 -28.50
N ARG C 68 18.07 9.55 -29.17
CA ARG C 68 19.04 8.69 -28.50
C ARG C 68 20.33 8.74 -29.30
N GLY C 69 21.46 8.91 -28.60
CA GLY C 69 22.74 9.05 -29.25
C GLY C 69 23.83 8.25 -28.56
N LYS C 70 25.03 8.38 -29.08
CA LYS C 70 26.23 7.77 -28.52
C LYS C 70 27.28 8.86 -28.32
N ALA C 71 27.99 8.78 -27.20
CA ALA C 71 28.98 9.80 -26.87
C ALA C 71 30.03 9.19 -25.95
N ASP C 72 31.14 9.90 -25.81
CA ASP C 72 32.18 9.49 -24.87
C ASP C 72 31.66 9.60 -23.43
N PRO C 73 32.21 8.81 -22.51
CA PRO C 73 31.66 8.79 -21.15
C PRO C 73 31.64 10.14 -20.47
N GLY C 74 32.66 10.97 -20.67
CA GLY C 74 32.72 12.26 -20.02
C GLY C 74 32.33 13.42 -20.91
N GLN C 75 31.63 13.15 -22.01
CA GLN C 75 31.30 14.16 -23.00
C GLN C 75 29.83 14.58 -22.86
N SER C 76 29.59 15.87 -23.03
CA SER C 76 28.23 16.40 -23.05
C SER C 76 27.65 16.45 -24.46
N SER C 77 28.49 16.59 -25.47
CA SER C 77 28.05 16.58 -26.86
C SER C 77 28.04 15.15 -27.40
N GLN C 78 27.32 14.99 -28.52
CA GLN C 78 27.06 13.67 -29.08
C GLN C 78 27.88 13.45 -30.35
N ASN C 79 28.46 12.26 -30.47
CA ASN C 79 29.11 11.87 -31.72
C ASN C 79 28.10 11.56 -32.80
N SER C 80 26.94 11.02 -32.43
CA SER C 80 25.87 10.72 -33.36
C SER C 80 24.55 10.69 -32.59
N PHE C 81 23.44 10.79 -33.33
CA PHE C 81 22.12 10.73 -32.70
C PHE C 81 21.09 10.47 -33.78
N GLU C 82 19.90 10.06 -33.33
CA GLU C 82 18.75 9.90 -34.22
C GLU C 82 17.49 10.11 -33.40
N THR C 83 16.36 10.30 -34.10
CA THR C 83 15.06 10.39 -33.46
C THR C 83 14.16 9.27 -33.96
N VAL C 84 13.28 8.81 -33.07
CA VAL C 84 12.34 7.72 -33.35
C VAL C 84 10.93 8.21 -33.01
N SER C 85 10.01 8.03 -33.95
CA SER C 85 8.61 8.39 -33.74
C SER C 85 7.83 7.10 -33.56
N THR C 86 7.03 7.02 -32.50
CA THR C 86 6.19 5.86 -32.22
C THR C 86 4.82 6.31 -31.75
N GLU C 87 3.82 5.45 -32.02
CA GLU C 87 2.46 5.67 -31.57
C GLU C 87 2.30 5.02 -30.19
N VAL C 88 1.94 5.82 -29.18
CA VAL C 88 1.80 5.34 -27.82
C VAL C 88 0.43 5.77 -27.29
N ASP C 89 -0.04 5.04 -26.30
CA ASP C 89 -1.32 5.32 -25.65
C ASP C 89 -1.07 5.97 -24.29
N LEU C 90 -1.57 7.20 -24.12
CA LEU C 90 -1.45 7.92 -22.87
C LEU C 90 -2.84 8.15 -22.29
N LYS C 91 -3.01 7.82 -21.02
CA LYS C 91 -4.26 8.05 -20.31
C LYS C 91 -4.05 9.09 -19.21
N GLY C 92 -5.10 9.88 -18.96
CA GLY C 92 -5.04 10.83 -17.87
C GLY C 92 -4.40 12.16 -18.19
N THR C 93 -3.88 12.35 -19.40
CA THR C 93 -3.30 13.64 -19.77
C THR C 93 -4.41 14.68 -19.96
N CYS C 94 -4.00 15.95 -19.91
CA CYS C 94 -4.95 17.08 -19.94
C CYS C 94 -5.41 17.32 -21.38
N VAL C 95 -6.21 16.38 -21.87
CA VAL C 95 -6.87 16.50 -23.17
C VAL C 95 -8.36 16.76 -22.89
N LEU C 96 -8.74 18.03 -22.88
CA LEU C 96 -10.11 18.40 -22.57
C LEU C 96 -10.95 18.34 -23.84
N LYS C 97 -12.16 17.80 -23.71
CA LYS C 97 -13.06 17.71 -24.85
C LYS C 97 -13.98 18.92 -24.93
N HIS C 98 -14.63 19.09 -26.08
CA HIS C 98 -15.52 20.22 -26.26
C HIS C 98 -16.69 20.15 -25.28
N LYS C 99 -16.92 21.26 -24.59
CA LYS C 99 -17.99 21.39 -23.61
C LYS C 99 -17.87 20.40 -22.46
N MET C 100 -16.68 19.87 -22.20
CA MET C 100 -16.54 18.96 -21.08
C MET C 100 -16.62 19.74 -19.77
N VAL C 101 -16.01 20.94 -19.76
CA VAL C 101 -16.01 21.78 -18.56
C VAL C 101 -17.42 22.26 -18.26
N GLU C 102 -18.17 22.64 -19.30
CA GLU C 102 -19.53 23.12 -19.10
C GLU C 102 -20.43 21.97 -18.63
N GLU C 103 -20.29 20.78 -19.23
CA GLU C 103 -21.08 19.64 -18.79
C GLU C 103 -20.70 19.24 -17.37
N SER C 104 -19.42 19.35 -17.03
CA SER C 104 -18.97 19.04 -15.67
C SER C 104 -19.51 20.00 -14.63
N TYR C 105 -19.74 21.27 -15.00
CA TYR C 105 -20.33 22.19 -14.02
C TYR C 105 -21.76 21.78 -13.67
N ARG C 106 -22.59 21.55 -14.69
CA ARG C 106 -23.97 21.14 -14.44
C ARG C 106 -24.06 19.71 -13.91
N SER C 107 -23.03 18.90 -14.13
CA SER C 107 -22.97 17.53 -13.64
C SER C 107 -22.23 17.38 -12.32
N ARG C 108 -21.66 18.47 -11.79
CA ARG C 108 -20.88 18.44 -10.55
C ARG C 108 -19.71 17.46 -10.60
N LYS C 109 -19.04 17.38 -11.74
CA LYS C 109 -17.90 16.48 -11.89
C LYS C 109 -16.58 17.25 -11.97
N SER C 110 -15.54 16.65 -11.42
CA SER C 110 -14.18 17.19 -11.41
C SER C 110 -13.42 16.81 -12.69
N ILE C 111 -12.37 17.57 -12.98
CA ILE C 111 -11.44 17.28 -14.08
C ILE C 111 -10.04 17.09 -13.52
N THR C 112 -9.58 15.84 -13.40
CA THR C 112 -8.26 15.55 -12.85
C THR C 112 -7.36 15.00 -13.95
N CYS C 113 -6.28 15.73 -14.24
CA CYS C 113 -5.37 15.38 -15.33
C CYS C 113 -3.97 15.85 -14.99
N TYR C 114 -3.00 15.45 -15.81
CA TYR C 114 -1.60 15.79 -15.56
C TYR C 114 -0.90 16.23 -16.83
N ASP C 115 0.09 17.11 -16.68
CA ASP C 115 1.01 17.50 -17.73
C ASP C 115 2.36 16.82 -17.50
N LEU C 116 3.12 16.64 -18.58
CA LEU C 116 4.41 15.97 -18.54
C LEU C 116 5.52 16.90 -19.02
N SER C 117 6.50 17.15 -18.14
CA SER C 117 7.72 17.87 -18.51
C SER C 117 8.88 16.88 -18.37
N CYS C 118 9.41 16.43 -19.50
CA CYS C 118 10.36 15.31 -19.50
C CYS C 118 11.63 15.68 -20.25
N ASN C 119 12.74 15.06 -19.82
CA ASN C 119 13.91 14.93 -20.67
C ASN C 119 13.94 13.50 -21.23
N SER C 120 15.12 13.04 -21.66
CA SER C 120 15.21 11.74 -22.29
C SER C 120 14.97 10.59 -21.32
N THR C 121 15.15 10.83 -20.01
CA THR C 121 15.11 9.74 -19.03
C THR C 121 14.14 9.95 -17.88
N PHE C 122 13.77 11.19 -17.54
CA PHE C 122 12.91 11.46 -16.39
C PHE C 122 11.82 12.45 -16.77
N CYS C 123 10.72 12.40 -16.02
CA CYS C 123 9.54 13.23 -16.27
C CYS C 123 9.09 13.90 -14.99
N LYS C 124 8.77 15.20 -15.09
CA LYS C 124 8.14 15.89 -13.98
C LYS C 124 6.64 15.99 -14.28
N PRO C 125 5.80 15.21 -13.61
CA PRO C 125 4.35 15.36 -13.80
C PRO C 125 3.80 16.54 -13.01
N THR C 126 2.88 17.27 -13.65
CA THR C 126 2.15 18.35 -13.00
C THR C 126 0.67 17.99 -12.94
N LEU C 127 0.17 17.71 -11.75
CA LEU C 127 -1.22 17.28 -11.57
C LEU C 127 -2.13 18.49 -11.46
N TYR C 128 -3.18 18.52 -12.28
CA TYR C 128 -4.22 19.54 -12.25
C TYR C 128 -5.55 18.97 -11.82
N MET C 129 -6.36 19.80 -11.16
CA MET C 129 -7.73 19.45 -10.80
C MET C 129 -8.60 20.67 -11.00
N ILE C 130 -9.62 20.52 -11.84
CA ILE C 130 -10.63 21.54 -12.11
C ILE C 130 -11.96 21.09 -11.52
N VAL C 131 -12.48 21.85 -10.55
CA VAL C 131 -13.75 21.48 -9.94
C VAL C 131 -14.72 22.64 -10.10
N PRO C 132 -16.02 22.40 -10.23
CA PRO C 132 -16.97 23.52 -10.23
C PRO C 132 -16.90 24.30 -8.93
N ILE C 133 -17.34 25.57 -9.00
CA ILE C 133 -17.29 26.40 -7.79
C ILE C 133 -18.17 25.81 -6.69
N HIS C 134 -19.14 24.96 -7.03
CA HIS C 134 -19.99 24.31 -6.04
C HIS C 134 -19.22 23.37 -5.12
N ALA C 135 -18.00 23.03 -5.46
CA ALA C 135 -17.10 22.24 -4.62
C ALA C 135 -16.46 23.07 -3.51
N CYS C 136 -16.75 24.37 -3.44
CA CYS C 136 -16.15 25.20 -2.41
C CYS C 136 -17.06 25.46 -1.23
N ASN C 137 -18.26 24.85 -1.20
CA ASN C 137 -19.13 24.99 -0.04
C ASN C 137 -18.95 23.80 0.89
N MET C 138 -19.03 22.60 0.32
CA MET C 138 -18.66 21.36 1.00
C MET C 138 -17.18 21.31 1.38
N MET C 139 -16.29 21.66 0.44
CA MET C 139 -14.84 21.72 0.70
C MET C 139 -14.33 20.41 1.30
N LYS C 140 -14.88 19.30 0.80
CA LYS C 140 -14.47 17.98 1.28
C LYS C 140 -13.09 17.64 0.72
N SER C 141 -12.17 17.30 1.63
CA SER C 141 -10.81 16.93 1.23
C SER C 141 -10.83 15.64 0.41
N CYS C 142 -10.11 15.64 -0.70
CA CYS C 142 -10.14 14.49 -1.59
C CYS C 142 -8.72 13.93 -1.71
N LEU C 143 -8.60 12.73 -2.28
CA LEU C 143 -7.32 12.05 -2.46
C LEU C 143 -7.17 11.57 -3.90
N ILE C 144 -6.05 11.91 -4.53
CA ILE C 144 -5.77 11.52 -5.90
C ILE C 144 -4.44 10.77 -5.93
N ALA C 145 -4.42 9.62 -6.61
CA ALA C 145 -3.22 8.82 -6.79
C ALA C 145 -2.75 8.92 -8.23
N LEU C 146 -1.48 9.27 -8.42
CA LEU C 146 -0.88 9.37 -9.76
C LEU C 146 0.49 8.72 -9.76
N GLY C 147 0.58 7.51 -10.32
CA GLY C 147 1.82 6.77 -10.33
C GLY C 147 2.31 6.48 -8.94
N PRO C 148 3.57 6.82 -8.67
CA PRO C 148 4.12 6.61 -7.31
C PRO C 148 3.79 7.69 -6.31
N TYR C 149 3.03 8.72 -6.69
CA TYR C 149 2.77 9.85 -5.81
C TYR C 149 1.35 9.82 -5.29
N ARG C 150 1.17 10.40 -4.10
CA ARG C 150 -0.15 10.56 -3.50
C ARG C 150 -0.34 12.05 -3.28
N VAL C 151 -1.52 12.58 -3.62
CA VAL C 151 -1.78 14.01 -3.50
C VAL C 151 -3.01 14.21 -2.61
N GLN C 152 -2.87 15.06 -1.59
CA GLN C 152 -3.96 15.43 -0.69
C GLN C 152 -4.49 16.79 -1.11
N VAL C 153 -5.76 16.83 -1.53
CA VAL C 153 -6.43 18.07 -1.90
C VAL C 153 -6.89 18.80 -0.65
N VAL C 154 -6.38 20.02 -0.46
CA VAL C 154 -6.66 20.83 0.73
C VAL C 154 -7.34 22.11 0.25
N TYR C 155 -8.61 22.26 0.60
CA TYR C 155 -9.38 23.47 0.33
C TYR C 155 -9.24 24.51 1.44
N GLU C 156 -8.88 25.73 1.05
CA GLU C 156 -8.70 26.84 1.99
C GLU C 156 -9.67 27.94 1.58
N ARG C 157 -10.51 28.37 2.52
CA ARG C 157 -11.46 29.45 2.30
C ARG C 157 -10.79 30.81 2.51
N THR C 158 -10.47 31.51 1.41
CA THR C 158 -9.88 32.82 1.59
C THR C 158 -10.94 33.79 2.11
N TYR C 159 -10.46 34.90 2.69
CA TYR C 159 -11.33 35.97 3.17
C TYR C 159 -11.86 36.87 2.06
N CYS C 160 -12.51 36.36 1.00
CA CYS C 160 -13.03 37.33 0.03
C CYS C 160 -14.39 36.92 -0.51
N MET C 161 -15.30 37.89 -0.64
CA MET C 161 -16.59 37.69 -1.28
C MET C 161 -16.41 37.54 -2.80
N THR C 162 -16.38 36.32 -3.31
CA THR C 162 -16.23 35.97 -4.72
C THR C 162 -14.89 36.21 -5.42
N GLY C 163 -13.99 37.05 -4.90
CA GLY C 163 -12.84 37.46 -5.68
C GLY C 163 -11.64 36.54 -5.58
N VAL C 164 -10.50 37.05 -6.05
CA VAL C 164 -9.23 36.33 -6.10
C VAL C 164 -8.28 36.89 -5.06
N LEU C 165 -7.56 36.00 -4.37
CA LEU C 165 -6.56 36.44 -3.41
C LEU C 165 -5.33 36.86 -4.18
N ILE C 166 -5.00 38.15 -4.15
CA ILE C 166 -3.86 38.69 -4.90
C ILE C 166 -3.02 39.52 -3.93
N GLU C 167 -1.88 38.98 -3.53
CA GLU C 167 -0.92 39.66 -2.65
C GLU C 167 -1.62 40.17 -1.38
N GLY C 168 -2.37 39.26 -0.73
CA GLY C 168 -3.07 39.61 0.48
C GLY C 168 -4.30 40.46 0.26
N LYS C 169 -4.62 40.80 -1.00
CA LYS C 169 -5.79 41.60 -1.35
C LYS C 169 -6.75 40.75 -2.19
N CYS C 170 -8.00 41.18 -2.20
CA CYS C 170 -9.07 40.45 -2.87
C CYS C 170 -9.47 41.25 -4.11
N PHE C 171 -9.21 40.69 -5.29
CA PHE C 171 -9.49 41.36 -6.55
C PHE C 171 -10.62 40.64 -7.29
N VAL C 172 -11.60 41.40 -7.75
CA VAL C 172 -12.75 40.87 -8.50
C VAL C 172 -12.55 41.22 -9.97
N PRO C 173 -12.18 40.26 -10.82
CA PRO C 173 -12.05 40.56 -12.25
C PRO C 173 -13.38 40.90 -12.88
N ASP C 174 -13.40 42.00 -13.64
CA ASP C 174 -14.62 42.48 -14.29
C ASP C 174 -14.90 41.71 -15.57
N VAL C 178 -16.98 47.47 -15.83
CA VAL C 178 -16.44 47.42 -17.19
C VAL C 178 -17.15 48.45 -18.06
N SER C 179 -16.59 48.71 -19.24
CA SER C 179 -17.18 49.59 -20.26
C SER C 179 -17.26 51.00 -19.68
N ILE C 180 -18.43 51.66 -19.72
CA ILE C 180 -18.52 53.07 -19.32
C ILE C 180 -18.18 53.23 -17.84
N ILE C 181 -18.60 52.27 -17.00
CA ILE C 181 -18.31 52.35 -15.58
C ILE C 181 -16.80 52.35 -15.35
N LYS C 182 -16.06 51.61 -16.17
CA LYS C 182 -14.61 51.50 -15.99
C LYS C 182 -13.89 52.83 -16.25
N HIS C 183 -14.43 53.68 -17.13
CA HIS C 183 -13.76 54.93 -17.45
C HIS C 183 -13.67 55.83 -16.22
N GLY C 184 -14.75 55.93 -15.45
CA GLY C 184 -14.74 56.79 -14.28
C GLY C 184 -13.73 56.34 -13.25
N ILE C 185 -13.65 55.03 -13.02
CA ILE C 185 -12.65 54.48 -12.11
C ILE C 185 -12.48 53.00 -12.43
N PHE C 186 -11.25 52.50 -12.25
CA PHE C 186 -10.92 51.11 -12.54
C PHE C 186 -9.64 50.78 -11.82
N ASP C 187 -9.35 49.48 -11.70
CA ASP C 187 -8.00 49.08 -11.33
C ASP C 187 -7.58 47.88 -12.19
N ILE C 188 -6.25 47.73 -12.32
CA ILE C 188 -5.65 46.65 -13.09
C ILE C 188 -4.85 45.75 -12.17
N ALA C 189 -5.07 44.44 -12.30
CA ALA C 189 -4.35 43.47 -11.48
C ALA C 189 -3.76 42.40 -12.39
N SER C 190 -2.54 41.96 -12.08
CA SER C 190 -1.93 40.85 -12.81
C SER C 190 -2.45 39.54 -12.22
N VAL C 191 -3.14 38.74 -13.03
CA VAL C 191 -3.84 37.57 -12.55
C VAL C 191 -3.28 36.31 -13.22
N HIS C 192 -3.10 35.27 -12.43
CA HIS C 192 -2.57 34.01 -12.93
C HIS C 192 -3.62 33.31 -13.78
N VAL C 193 -3.17 32.57 -14.79
CA VAL C 193 -4.08 31.91 -15.72
C VAL C 193 -3.48 30.59 -16.19
N VAL C 194 -4.33 29.59 -16.33
CA VAL C 194 -3.96 28.28 -16.84
C VAL C 194 -4.85 27.99 -18.05
N CYS C 195 -4.25 27.53 -19.15
CA CYS C 195 -5.01 27.31 -20.38
C CYS C 195 -4.76 25.91 -20.92
N PHE C 196 -5.78 25.34 -21.54
CA PHE C 196 -5.72 24.03 -22.16
C PHE C 196 -6.31 24.10 -23.57
N PHE C 197 -5.67 23.44 -24.53
CA PHE C 197 -6.18 23.44 -25.89
C PHE C 197 -7.29 22.39 -26.05
N VAL C 198 -8.44 22.83 -26.51
CA VAL C 198 -9.58 21.95 -26.77
C VAL C 198 -9.63 21.74 -28.29
N ALA C 199 -9.39 20.51 -28.75
CA ALA C 199 -9.43 20.20 -30.17
C ALA C 199 -10.87 19.95 -30.62
N VAL C 200 -11.38 20.80 -31.52
CA VAL C 200 -12.73 20.66 -32.05
C VAL C 200 -12.81 21.22 -33.47
N LYS C 201 -13.24 20.40 -34.42
CA LYS C 201 -13.39 20.85 -35.79
C LYS C 201 -14.59 21.78 -35.87
N GLY C 202 -14.49 22.85 -36.67
CA GLY C 202 -15.60 23.76 -36.81
C GLY C 202 -15.27 25.01 -37.61
N ASN C 203 -16.24 25.56 -38.33
CA ASN C 203 -15.97 26.77 -39.10
C ASN C 203 -15.75 27.98 -38.21
N THR C 204 -16.10 27.90 -36.93
CA THR C 204 -15.84 28.98 -35.99
C THR C 204 -14.59 28.73 -35.16
N TYR C 205 -13.95 27.57 -35.33
CA TYR C 205 -12.80 27.20 -34.52
C TYR C 205 -11.52 27.15 -35.34
N LYS C 206 -11.47 27.82 -36.48
CA LYS C 206 -10.22 27.81 -37.25
C LYS C 206 -9.25 28.78 -36.59
N LEU C 207 -8.46 28.25 -35.66
CA LEU C 207 -7.72 29.10 -34.73
C LEU C 207 -6.72 29.96 -35.46
N PHE C 208 -5.97 29.37 -36.41
CA PHE C 208 -4.86 30.06 -37.07
C PHE C 208 -5.30 31.16 -38.04
N GLU C 209 -6.59 31.31 -38.32
CA GLU C 209 -7.02 32.50 -39.04
C GLU C 209 -6.78 33.75 -38.20
N GLN C 210 -6.90 33.62 -36.88
CA GLN C 210 -6.59 34.75 -36.00
C GLN C 210 -5.10 34.84 -35.69
N VAL C 211 -4.40 33.71 -35.63
CA VAL C 211 -2.94 33.76 -35.51
C VAL C 211 -2.34 34.56 -36.67
N LYS C 212 -2.88 34.37 -37.87
CA LYS C 212 -2.40 35.07 -39.06
C LYS C 212 -2.66 36.57 -38.97
N LYS C 213 -3.75 36.97 -38.31
CA LYS C 213 -4.13 38.38 -38.22
C LYS C 213 -3.40 39.11 -37.10
N SER C 214 -3.17 38.42 -35.98
CA SER C 214 -2.54 39.03 -34.81
C SER C 214 -1.04 39.18 -34.98
N PHE C 215 -0.40 38.28 -35.73
CA PHE C 215 1.04 38.19 -35.86
C PHE C 215 1.39 38.32 -37.34
N GLU C 216 2.60 38.78 -37.61
CA GLU C 216 3.11 38.89 -38.97
C GLU C 216 3.44 37.53 -39.58
N SER C 217 2.93 36.46 -38.95
CA SER C 217 3.28 35.10 -39.32
C SER C 217 2.84 34.86 -40.75
N THR C 218 3.81 34.57 -41.63
CA THR C 218 3.48 34.12 -42.98
C THR C 218 2.94 32.69 -42.97
N CYS C 219 1.62 32.59 -42.85
CA CYS C 219 0.87 31.35 -42.65
C CYS C 219 -0.28 31.33 -43.66
N ASN C 220 -0.04 30.70 -44.80
CA ASN C 220 -1.06 30.52 -45.81
C ASN C 220 -1.72 29.17 -45.63
N ASP C 221 -2.91 29.02 -46.21
CA ASP C 221 -3.67 27.77 -46.18
C ASP C 221 -3.99 27.38 -44.74
N THR C 222 -4.76 28.28 -44.10
CA THR C 222 -5.27 28.07 -42.75
C THR C 222 -6.39 27.04 -42.69
N GLU C 223 -6.99 26.69 -43.84
CA GLU C 223 -8.07 25.72 -43.87
C GLU C 223 -7.60 24.34 -43.42
N ASN C 224 -6.32 24.02 -43.62
CA ASN C 224 -5.79 22.70 -43.33
C ASN C 224 -4.98 22.65 -42.04
N LYS C 225 -5.15 23.63 -41.15
CA LYS C 225 -4.40 23.69 -39.92
C LYS C 225 -5.32 23.34 -38.76
N VAL C 226 -4.72 23.11 -37.59
CA VAL C 226 -5.48 22.53 -36.48
C VAL C 226 -6.62 23.46 -36.09
N GLN C 227 -7.76 22.87 -35.75
CA GLN C 227 -8.96 23.61 -35.38
C GLN C 227 -9.30 23.39 -33.92
N GLY C 228 -9.64 24.45 -33.23
CA GLY C 228 -9.97 24.37 -31.82
C GLY C 228 -9.72 25.71 -31.14
N TYR C 229 -9.79 25.67 -29.81
CA TYR C 229 -9.59 26.87 -29.02
C TYR C 229 -8.94 26.49 -27.70
N TYR C 230 -8.42 27.49 -27.01
CA TYR C 230 -7.90 27.33 -25.66
C TYR C 230 -8.99 27.73 -24.68
N ILE C 231 -9.09 27.00 -23.57
CA ILE C 231 -10.00 27.35 -22.49
C ILE C 231 -9.15 27.60 -21.25
N CYS C 232 -9.47 28.69 -20.54
CA CYS C 232 -8.61 29.17 -19.48
C CYS C 232 -9.47 29.47 -18.25
N ILE C 233 -8.88 29.32 -17.07
CA ILE C 233 -9.50 29.74 -15.82
C ILE C 233 -8.57 30.76 -15.19
N VAL C 234 -9.10 31.95 -14.88
CA VAL C 234 -8.27 33.03 -14.36
C VAL C 234 -8.57 33.24 -12.88
N GLY C 235 -7.54 33.57 -12.13
CA GLY C 235 -7.67 33.86 -10.71
C GLY C 235 -8.13 32.67 -9.89
N GLY C 236 -8.15 31.49 -10.52
CA GLY C 236 -8.65 30.32 -9.84
C GLY C 236 -10.14 30.38 -9.60
N ASN C 237 -10.84 31.35 -10.19
CA ASN C 237 -12.27 31.53 -9.98
C ASN C 237 -12.84 32.52 -10.99
N SER C 238 -13.45 32.01 -12.06
CA SER C 238 -14.07 32.84 -13.09
C SER C 238 -14.89 31.91 -13.98
N ALA C 239 -15.71 32.52 -14.82
CA ALA C 239 -16.28 31.77 -15.93
C ALA C 239 -15.17 31.45 -16.93
N PRO C 240 -15.28 30.33 -17.65
CA PRO C 240 -14.23 29.98 -18.61
C PRO C 240 -14.12 31.05 -19.70
N ILE C 241 -12.89 31.38 -20.07
CA ILE C 241 -12.62 32.35 -21.13
C ILE C 241 -12.17 31.60 -22.36
N TYR C 242 -12.90 31.75 -23.45
CA TYR C 242 -12.56 31.10 -24.70
C TYR C 242 -11.54 31.94 -25.47
N VAL C 243 -10.45 31.30 -25.89
CA VAL C 243 -9.32 31.95 -26.52
C VAL C 243 -9.09 31.30 -27.88
N PRO C 244 -9.08 32.06 -28.99
CA PRO C 244 -9.27 33.51 -28.99
C PRO C 244 -10.72 33.95 -29.20
N THR C 245 -11.07 35.11 -28.63
CA THR C 245 -12.36 35.76 -28.88
C THR C 245 -12.07 37.20 -29.28
N LEU C 246 -12.42 37.56 -30.51
CA LEU C 246 -11.92 38.80 -31.11
C LEU C 246 -12.36 40.02 -30.32
N ASP C 247 -13.61 40.04 -29.85
CA ASP C 247 -14.15 41.20 -29.14
C ASP C 247 -14.05 41.06 -27.63
N ASP C 248 -13.17 40.19 -27.14
CA ASP C 248 -12.95 39.98 -25.72
C ASP C 248 -11.46 40.25 -25.47
N PHE C 249 -11.14 41.44 -24.95
CA PHE C 249 -9.74 41.84 -24.80
C PHE C 249 -8.99 40.96 -23.81
N ARG C 250 -9.68 40.41 -22.80
CA ARG C 250 -9.01 39.43 -21.92
C ARG C 250 -8.60 38.20 -22.71
N SER C 251 -9.48 37.74 -23.60
CA SER C 251 -9.17 36.58 -24.43
C SER C 251 -7.99 36.86 -25.35
N MET C 252 -7.92 38.06 -25.91
CA MET C 252 -6.80 38.38 -26.80
C MET C 252 -5.51 38.60 -26.04
N GLU C 253 -5.60 39.01 -24.77
CA GLU C 253 -4.42 39.07 -23.92
C GLU C 253 -3.84 37.68 -23.65
N ALA C 254 -4.71 36.71 -23.35
CA ALA C 254 -4.25 35.33 -23.17
C ALA C 254 -3.72 34.76 -24.49
N PHE C 255 -4.40 35.07 -25.59
CA PHE C 255 -3.94 34.65 -26.92
C PHE C 255 -2.54 35.16 -27.21
N THR C 256 -2.26 36.42 -26.88
CA THR C 256 -0.92 36.96 -27.10
C THR C 256 0.13 36.24 -26.26
N GLY C 257 -0.19 35.99 -24.98
CA GLY C 257 0.79 35.32 -24.12
C GLY C 257 1.09 33.90 -24.56
N ILE C 258 0.07 33.20 -25.06
CA ILE C 258 0.26 31.81 -25.48
C ILE C 258 1.24 31.72 -26.66
N PHE C 259 1.09 32.61 -27.64
CA PHE C 259 1.89 32.53 -28.84
C PHE C 259 3.16 33.38 -28.82
N LYS C 260 3.28 34.32 -27.88
CA LYS C 260 4.54 35.02 -27.69
C LYS C 260 5.44 34.37 -26.66
N SER C 261 4.87 33.60 -25.74
CA SER C 261 5.63 32.84 -24.74
C SER C 261 5.06 31.43 -24.69
N PRO C 262 5.32 30.62 -25.72
CA PRO C 262 4.63 29.33 -25.82
C PRO C 262 5.03 28.33 -24.76
N HIS C 263 6.25 28.44 -24.22
CA HIS C 263 6.67 27.54 -23.15
C HIS C 263 6.19 27.98 -21.77
N GLY C 264 5.47 29.08 -21.67
CA GLY C 264 5.02 29.54 -20.37
C GLY C 264 5.90 30.66 -19.83
N GLU C 265 5.38 31.34 -18.82
CA GLU C 265 6.08 32.45 -18.18
C GLU C 265 6.65 31.94 -16.86
N ASP C 266 7.96 31.70 -16.84
CA ASP C 266 8.65 31.23 -15.64
C ASP C 266 9.77 32.18 -15.23
N SER C 276 22.40 25.77 -17.85
CA SER C 276 21.57 24.65 -17.46
C SER C 276 21.51 23.59 -18.55
N TYR C 277 20.44 23.59 -19.32
CA TYR C 277 20.28 22.66 -20.43
C TYR C 277 21.10 23.12 -21.63
N SER C 278 21.71 22.15 -22.33
CA SER C 278 22.53 22.42 -23.50
C SER C 278 21.94 21.72 -24.72
N ILE C 279 21.85 22.44 -25.83
CA ILE C 279 21.22 21.93 -27.05
C ILE C 279 22.20 20.98 -27.72
N VAL C 280 21.75 19.75 -27.98
CA VAL C 280 22.54 18.79 -28.75
C VAL C 280 22.32 18.94 -30.26
N GLY C 281 21.09 19.20 -30.71
CA GLY C 281 20.88 19.41 -32.13
C GLY C 281 19.45 19.33 -32.60
N PRO C 282 19.18 19.98 -33.74
CA PRO C 282 17.85 19.91 -34.34
C PRO C 282 17.57 18.54 -34.95
N ALA C 283 16.27 18.24 -35.08
CA ALA C 283 15.82 16.96 -35.59
C ALA C 283 14.42 17.11 -36.15
N ASN C 284 14.06 16.19 -37.04
CA ASN C 284 12.73 16.12 -37.63
C ASN C 284 12.15 14.74 -37.41
N ALA C 285 10.83 14.69 -37.25
CA ALA C 285 10.13 13.46 -36.94
C ALA C 285 8.85 13.39 -37.75
N LYS C 286 8.38 12.16 -37.97
CA LYS C 286 7.13 11.90 -38.67
C LYS C 286 5.99 11.89 -37.64
N VAL C 287 5.05 12.81 -37.79
CA VAL C 287 3.86 12.89 -36.94
C VAL C 287 2.63 12.89 -37.84
N PRO C 288 1.78 11.86 -37.78
CA PRO C 288 1.99 10.67 -36.94
C PRO C 288 3.06 9.73 -37.49
N HIS C 289 3.28 8.60 -36.81
CA HIS C 289 4.33 7.67 -37.21
C HIS C 289 4.13 7.19 -38.64
N SER C 290 2.89 7.12 -39.11
CA SER C 290 2.55 6.65 -40.44
C SER C 290 2.74 7.71 -41.53
N ALA C 291 3.21 8.90 -41.19
CA ALA C 291 3.37 9.96 -42.19
C ALA C 291 4.43 9.61 -43.23
N SER C 292 4.15 9.96 -44.48
CA SER C 292 5.05 9.65 -45.59
C SER C 292 6.32 10.50 -45.57
N SER C 293 6.29 11.67 -44.95
CA SER C 293 7.44 12.54 -44.86
C SER C 293 7.46 13.18 -43.48
N ASP C 294 8.59 13.81 -43.14
CA ASP C 294 8.70 14.47 -41.85
C ASP C 294 7.70 15.61 -41.76
N THR C 295 6.97 15.67 -40.64
CA THR C 295 5.95 16.68 -40.44
C THR C 295 6.22 17.62 -39.28
N LEU C 296 7.22 17.35 -38.44
CA LEU C 296 7.46 18.17 -37.26
C LEU C 296 8.95 18.44 -37.09
N SER C 297 9.31 19.69 -36.84
CA SER C 297 10.67 20.08 -36.51
C SER C 297 10.80 20.22 -35.00
N LEU C 298 11.91 19.72 -34.45
CA LEU C 298 12.17 19.77 -33.02
C LEU C 298 13.63 20.10 -32.78
N ILE C 299 13.97 20.33 -31.51
CA ILE C 299 15.34 20.57 -31.09
C ILE C 299 15.62 19.62 -29.93
N ALA C 300 16.54 18.68 -30.16
CA ALA C 300 16.96 17.77 -29.10
C ALA C 300 17.87 18.49 -28.11
N TYR C 301 17.66 18.23 -26.83
CA TYR C 301 18.42 18.92 -25.79
C TYR C 301 18.80 17.92 -24.71
N SER C 302 19.79 18.31 -23.90
CA SER C 302 20.12 17.61 -22.68
C SER C 302 19.96 18.61 -21.54
N GLY C 303 19.44 18.15 -20.42
CA GLY C 303 19.18 19.04 -19.31
C GLY C 303 18.07 18.49 -18.44
N ILE C 304 17.95 19.07 -17.25
CA ILE C 304 16.87 18.70 -16.34
C ILE C 304 15.54 19.08 -16.98
N PRO C 305 14.46 18.35 -16.70
CA PRO C 305 13.17 18.67 -17.30
C PRO C 305 12.73 20.09 -16.96
N SER C 306 12.19 20.78 -17.96
CA SER C 306 11.83 22.17 -17.76
C SER C 306 10.42 22.46 -18.25
N TYR C 307 10.28 22.63 -19.55
CA TYR C 307 9.02 23.00 -20.16
C TYR C 307 8.21 21.76 -20.51
N SER C 308 6.93 21.98 -20.81
CA SER C 308 6.03 20.87 -21.09
C SER C 308 6.52 20.11 -22.32
N SER C 309 6.34 18.78 -22.29
CA SER C 309 6.64 17.91 -23.42
C SER C 309 5.41 17.53 -24.23
N LEU C 310 4.25 18.11 -23.92
CA LEU C 310 3.01 17.80 -24.60
C LEU C 310 2.64 18.95 -25.53
N SER C 311 2.28 18.62 -26.77
CA SER C 311 1.90 19.62 -27.76
C SER C 311 0.97 18.98 -28.78
N ILE C 312 0.47 19.79 -29.71
CA ILE C 312 -0.42 19.35 -30.76
C ILE C 312 0.16 19.79 -32.11
N LEU C 313 0.19 18.87 -33.07
CA LEU C 313 0.73 19.20 -34.39
C LEU C 313 -0.10 20.28 -35.05
N THR C 314 0.59 21.26 -35.65
CA THR C 314 -0.09 22.38 -36.28
C THR C 314 -0.75 21.97 -37.59
N SER C 315 -0.04 21.24 -38.44
CA SER C 315 -0.47 21.03 -39.83
C SER C 315 -1.40 19.84 -39.98
N SER C 316 -2.46 19.79 -39.17
CA SER C 316 -3.47 18.75 -39.28
C SER C 316 -4.73 19.24 -38.61
N THR C 317 -5.83 19.34 -39.36
CA THR C 317 -7.08 19.84 -38.79
C THR C 317 -7.52 18.95 -37.63
N ASP C 318 -7.48 17.64 -37.82
CA ASP C 318 -7.68 16.70 -36.71
C ASP C 318 -6.43 16.71 -35.85
N ALA C 319 -6.60 16.98 -34.56
CA ALA C 319 -5.47 17.17 -33.66
C ALA C 319 -4.63 15.90 -33.55
N LYS C 320 -3.35 16.01 -33.86
CA LYS C 320 -2.38 14.93 -33.68
C LYS C 320 -1.54 15.32 -32.46
N HIS C 321 -1.81 14.67 -31.33
CA HIS C 321 -1.09 14.97 -30.10
C HIS C 321 0.30 14.38 -30.12
N VAL C 322 1.28 15.17 -29.67
CA VAL C 322 2.69 14.80 -29.71
C VAL C 322 3.24 14.82 -28.29
N PHE C 323 4.03 13.79 -27.97
CA PHE C 323 4.76 13.68 -26.71
C PHE C 323 6.24 13.52 -27.04
N SER C 324 7.03 14.57 -26.78
CA SER C 324 8.43 14.62 -27.19
C SER C 324 9.33 14.84 -25.97
N PRO C 325 9.57 13.80 -25.19
CA PRO C 325 10.48 13.93 -24.04
C PRO C 325 11.92 14.11 -24.52
N GLY C 326 12.58 15.16 -24.05
CA GLY C 326 13.92 15.41 -24.52
C GLY C 326 14.03 16.23 -25.79
N LEU C 327 12.91 16.68 -26.34
CA LEU C 327 12.90 17.50 -27.55
C LEU C 327 11.98 18.70 -27.33
N PHE C 328 12.41 19.85 -27.87
CA PHE C 328 11.58 21.03 -27.83
C PHE C 328 10.89 21.15 -29.19
N PRO C 329 9.58 21.02 -29.26
CA PRO C 329 8.90 21.16 -30.55
C PRO C 329 8.93 22.58 -31.08
N LYS C 330 8.91 22.70 -32.41
CA LYS C 330 8.86 23.98 -33.08
C LYS C 330 7.57 24.69 -32.72
N LEU C 331 7.64 25.74 -31.92
CA LEU C 331 6.44 26.49 -31.56
C LEU C 331 6.35 27.85 -32.25
N ASN C 332 7.40 28.29 -32.94
CA ASN C 332 7.32 29.51 -33.74
C ASN C 332 6.38 29.31 -34.91
N HIS C 333 5.74 30.39 -35.35
CA HIS C 333 4.83 30.32 -36.48
C HIS C 333 5.19 31.30 -37.58
N THR C 334 6.40 31.87 -37.57
CA THR C 334 6.84 32.67 -38.70
C THR C 334 6.83 31.85 -39.98
N ASN C 335 7.00 30.54 -39.85
CA ASN C 335 6.70 29.59 -40.91
C ASN C 335 5.87 28.50 -40.27
N CYS C 336 4.62 28.34 -40.71
CA CYS C 336 3.75 27.34 -40.12
C CYS C 336 4.17 25.92 -40.47
N ASP C 337 5.21 25.76 -41.28
CA ASP C 337 5.65 24.45 -41.71
C ASP C 337 6.24 23.67 -40.54
N LYS C 338 5.69 22.48 -40.30
CA LYS C 338 6.22 21.54 -39.31
C LYS C 338 6.32 22.13 -37.91
N SER C 339 5.29 22.87 -37.50
CA SER C 339 5.27 23.50 -36.18
C SER C 339 4.26 22.78 -35.28
N ALA C 340 4.15 23.26 -34.04
CA ALA C 340 3.18 22.73 -33.08
C ALA C 340 2.68 23.86 -32.19
N ILE C 341 1.64 23.56 -31.41
CA ILE C 341 1.13 24.49 -30.41
C ILE C 341 1.15 23.79 -29.06
N PRO C 342 1.29 24.51 -27.95
CA PRO C 342 1.36 23.85 -26.65
C PRO C 342 0.01 23.32 -26.19
N LEU C 343 0.05 22.19 -25.48
CA LEU C 343 -1.17 21.63 -24.90
C LEU C 343 -1.61 22.45 -23.69
N THR C 344 -0.67 22.86 -22.85
CA THR C 344 -0.96 23.67 -21.68
C THR C 344 -0.11 24.93 -21.71
N TRP C 345 -0.61 25.98 -21.06
CA TRP C 345 0.10 27.24 -20.97
C TRP C 345 -0.27 27.91 -19.66
N THR C 346 0.73 28.39 -18.92
CA THR C 346 0.50 29.14 -17.70
C THR C 346 1.17 30.50 -17.79
N GLY C 347 0.48 31.53 -17.32
CA GLY C 347 1.05 32.87 -17.37
C GLY C 347 0.22 33.85 -16.57
N MET C 348 0.45 35.13 -16.84
CA MET C 348 -0.23 36.21 -16.16
C MET C 348 -0.79 37.17 -17.20
N ILE C 349 -2.03 37.61 -16.99
CA ILE C 349 -2.64 38.63 -17.82
C ILE C 349 -3.21 39.72 -16.92
N ASP C 350 -3.26 40.94 -17.43
CA ASP C 350 -3.77 42.08 -16.68
C ASP C 350 -5.28 42.18 -16.87
N LEU C 351 -6.02 42.22 -15.77
CA LEU C 351 -7.46 42.27 -15.87
C LEU C 351 -8.02 43.50 -15.17
N PRO C 352 -9.01 44.16 -15.76
CA PRO C 352 -9.66 45.28 -15.07
C PRO C 352 -10.64 44.78 -14.03
N GLY C 353 -10.85 45.61 -13.01
CA GLY C 353 -11.77 45.24 -11.95
C GLY C 353 -11.59 46.13 -10.74
N TYR C 354 -11.82 45.55 -9.56
CA TYR C 354 -11.75 46.31 -8.33
C TYR C 354 -11.36 45.40 -7.19
N TYR C 355 -10.84 46.01 -6.13
CA TYR C 355 -10.50 45.32 -4.89
C TYR C 355 -11.64 45.45 -3.89
N GLU C 356 -11.83 44.39 -3.09
CA GLU C 356 -12.88 44.40 -2.07
C GLU C 356 -12.26 44.27 -0.68
#